data_5LCD
#
_entry.id   5LCD
#
_cell.length_a   164.441
_cell.length_b   164.441
_cell.length_c   95.044
_cell.angle_alpha   90.000
_cell.angle_beta   90.000
_cell.angle_gamma   90.000
#
_symmetry.space_group_name_H-M   'P 43 21 2'
#
loop_
_entity.id
_entity.type
_entity.pdbx_description
1 polymer 'Polyphosphate:AMP phosphotransferase'
2 non-polymer 'ADENOSINE MONOPHOSPHATE'
3 non-polymer 'PHOSPHATE ION'
4 non-polymer 'SULFATE ION'
5 non-polymer 'MAGNESIUM ION'
6 water water
#
_entity_poly.entity_id   1
_entity_poly.type   'polypeptide(L)'
_entity_poly.pdbx_seq_one_letter_code
;MGSSHHHHHHSSGLVPRGSHMKKYRVQPDGRFELKRFDPDDTSAFEGGKQAALEALAVLNRRLEKLQELLYAEGQHKVLV
VLQAMDAGGKDGTIRVVFDGVNPSGVRVASFGVPTEQELARDYLWRVHQQVPRKGELVIFNRSHYEDVLVVRVKNLVPQQ
VWQKRYRHIREFERMLADEGTTILKFFLHISKDEQRQRLQERLDNPEKRWKFRMGDLEDRRLWDRYQEAYEAAIRETSTE
YAPWYVIPANKNWYRNWLVSHILVETLEGLAMQYPQPETASEKIVIE
;
_entity_poly.pdbx_strand_id   A,B,C,D
#
loop_
_chem_comp.id
_chem_comp.type
_chem_comp.name
_chem_comp.formula
AMP non-polymer 'ADENOSINE MONOPHOSPHATE' 'C10 H14 N5 O7 P'
MG non-polymer 'MAGNESIUM ION' 'Mg 2'
PO4 non-polymer 'PHOSPHATE ION' 'O4 P -3'
SO4 non-polymer 'SULFATE ION' 'O4 S -2'
#
# COMPACT_ATOMS: atom_id res chain seq x y z
N MET A 21 25.52 -16.85 -27.13
CA MET A 21 24.95 -15.80 -26.30
C MET A 21 24.76 -16.22 -24.82
N LYS A 22 24.92 -17.53 -24.53
CA LYS A 22 24.85 -18.07 -23.17
C LYS A 22 26.18 -17.83 -22.41
N LYS A 23 27.20 -17.27 -23.12
CA LYS A 23 28.50 -16.86 -22.61
C LYS A 23 28.36 -15.70 -21.59
N TYR A 24 27.21 -14.99 -21.63
CA TYR A 24 26.92 -13.89 -20.74
C TYR A 24 26.15 -14.33 -19.50
N ARG A 25 25.57 -15.56 -19.52
CA ARG A 25 24.84 -16.13 -18.38
C ARG A 25 25.86 -16.61 -17.35
N VAL A 26 25.76 -16.09 -16.11
CA VAL A 26 26.67 -16.45 -15.01
C VAL A 26 26.21 -17.78 -14.42
N GLN A 27 27.05 -18.82 -14.60
CA GLN A 27 26.81 -20.18 -14.11
C GLN A 27 26.70 -20.22 -12.58
N PRO A 28 25.78 -21.03 -12.02
CA PRO A 28 25.67 -21.11 -10.55
C PRO A 28 26.75 -21.98 -9.90
N ASP A 29 28.04 -21.71 -10.21
CA ASP A 29 29.18 -22.46 -9.69
C ASP A 29 29.96 -21.72 -8.59
N GLY A 30 29.67 -20.42 -8.40
CA GLY A 30 30.33 -19.57 -7.43
C GLY A 30 31.78 -19.29 -7.75
N ARG A 31 32.13 -19.35 -9.06
CA ARG A 31 33.49 -19.14 -9.55
C ARG A 31 33.60 -17.90 -10.46
N PHE A 32 32.54 -17.06 -10.45
CA PHE A 32 32.43 -15.83 -11.24
C PHE A 32 33.51 -14.80 -10.94
N GLU A 33 34.14 -14.28 -12.00
CA GLU A 33 35.17 -13.23 -11.95
C GLU A 33 34.78 -12.16 -12.98
N LEU A 34 34.51 -10.92 -12.51
CA LEU A 34 34.10 -9.78 -13.33
C LEU A 34 35.19 -9.34 -14.33
N LYS A 35 36.49 -9.62 -14.03
CA LYS A 35 37.63 -9.32 -14.92
C LYS A 35 37.57 -10.10 -16.24
N ARG A 36 36.86 -11.25 -16.26
CA ARG A 36 36.65 -12.11 -17.43
C ARG A 36 35.62 -11.49 -18.39
N PHE A 37 35.05 -10.31 -18.01
CA PHE A 37 34.06 -9.58 -18.79
C PHE A 37 34.56 -8.20 -19.16
N ASP A 38 34.65 -7.90 -20.47
CA ASP A 38 35.11 -6.61 -20.96
C ASP A 38 33.90 -5.75 -21.33
N PRO A 39 33.72 -4.55 -20.73
CA PRO A 39 32.58 -3.69 -21.12
C PRO A 39 32.54 -3.31 -22.60
N ASP A 40 33.69 -3.31 -23.30
CA ASP A 40 33.80 -2.98 -24.73
C ASP A 40 33.61 -4.19 -25.67
N ASP A 41 33.29 -5.36 -25.11
CA ASP A 41 33.06 -6.59 -25.86
C ASP A 41 31.77 -6.52 -26.67
N THR A 42 31.86 -6.93 -27.96
CA THR A 42 30.73 -6.95 -28.92
C THR A 42 30.75 -8.26 -29.76
N SER A 43 31.45 -9.31 -29.26
CA SER A 43 31.66 -10.60 -29.95
C SER A 43 30.39 -11.41 -30.30
N ALA A 44 29.25 -11.19 -29.60
CA ALA A 44 28.01 -11.91 -29.93
C ALA A 44 27.30 -11.34 -31.18
N PHE A 45 27.70 -10.14 -31.65
CA PHE A 45 27.11 -9.52 -32.82
C PHE A 45 28.15 -9.32 -33.89
N GLU A 46 27.92 -10.03 -35.02
CA GLU A 46 28.76 -10.06 -36.20
C GLU A 46 28.39 -8.88 -37.09
N GLY A 47 28.91 -7.73 -36.70
CA GLY A 47 28.67 -6.47 -37.36
C GLY A 47 28.72 -5.33 -36.37
N GLY A 48 28.28 -4.18 -36.84
CA GLY A 48 28.29 -2.99 -36.02
C GLY A 48 26.94 -2.40 -35.74
N LYS A 49 26.97 -1.12 -35.41
CA LYS A 49 25.86 -0.30 -35.00
C LYS A 49 24.66 -0.29 -35.96
N GLN A 50 24.86 0.01 -37.26
CA GLN A 50 23.78 0.05 -38.25
C GLN A 50 23.05 -1.29 -38.41
N ALA A 51 23.79 -2.41 -38.42
CA ALA A 51 23.23 -3.75 -38.54
C ALA A 51 22.48 -4.15 -37.28
N ALA A 52 22.99 -3.72 -36.10
CA ALA A 52 22.41 -4.00 -34.79
C ALA A 52 21.09 -3.28 -34.56
N LEU A 53 20.93 -2.05 -35.10
CA LEU A 53 19.69 -1.28 -34.99
C LEU A 53 18.56 -2.00 -35.73
N GLU A 54 18.87 -2.57 -36.91
CA GLU A 54 17.94 -3.33 -37.74
C GLU A 54 17.51 -4.60 -37.01
N ALA A 55 18.49 -5.34 -36.44
CA ALA A 55 18.31 -6.57 -35.68
C ALA A 55 17.47 -6.33 -34.41
N LEU A 56 17.70 -5.18 -33.75
CA LEU A 56 16.98 -4.73 -32.56
C LEU A 56 15.51 -4.43 -32.88
N ALA A 57 15.24 -3.81 -34.05
CA ALA A 57 13.88 -3.49 -34.51
C ALA A 57 13.04 -4.77 -34.69
N VAL A 58 13.69 -5.85 -35.16
CA VAL A 58 13.08 -7.18 -35.36
C VAL A 58 12.74 -7.80 -33.98
N LEU A 59 13.69 -7.74 -33.01
CA LEU A 59 13.53 -8.25 -31.66
C LEU A 59 12.47 -7.47 -30.89
N ASN A 60 12.41 -6.12 -31.09
CA ASN A 60 11.44 -5.23 -30.43
C ASN A 60 10.01 -5.55 -30.89
N ARG A 61 9.84 -5.87 -32.18
CA ARG A 61 8.53 -6.24 -32.73
C ARG A 61 8.06 -7.57 -32.10
N ARG A 62 8.99 -8.54 -31.98
CA ARG A 62 8.77 -9.84 -31.34
C ARG A 62 8.43 -9.63 -29.85
N LEU A 63 9.17 -8.73 -29.16
CA LEU A 63 8.92 -8.40 -27.75
C LEU A 63 7.50 -7.84 -27.54
N GLU A 64 7.06 -6.93 -28.42
CA GLU A 64 5.72 -6.34 -28.41
C GLU A 64 4.64 -7.44 -28.48
N LYS A 65 4.82 -8.40 -29.40
CA LYS A 65 3.91 -9.54 -29.59
C LYS A 65 3.90 -10.50 -28.38
N LEU A 66 5.09 -10.85 -27.83
CA LEU A 66 5.23 -11.75 -26.68
C LEU A 66 4.61 -11.18 -25.39
N GLN A 67 4.65 -9.84 -25.21
CA GLN A 67 4.05 -9.19 -24.03
C GLN A 67 2.52 -9.24 -24.19
N GLU A 68 2.03 -9.04 -25.43
CA GLU A 68 0.61 -9.09 -25.80
C GLU A 68 0.03 -10.46 -25.42
N LEU A 69 0.86 -11.53 -25.62
CA LEU A 69 0.58 -12.92 -25.29
C LEU A 69 0.62 -13.15 -23.78
N LEU A 70 1.59 -12.48 -23.10
CA LEU A 70 1.80 -12.59 -21.66
C LEU A 70 0.58 -12.06 -20.92
N TYR A 71 0.13 -10.86 -21.31
CA TYR A 71 -1.03 -10.15 -20.76
C TYR A 71 -2.31 -10.93 -20.98
N ALA A 72 -2.52 -11.43 -22.22
CA ALA A 72 -3.72 -12.16 -22.62
C ALA A 72 -3.83 -13.50 -21.90
N GLU A 73 -2.76 -14.32 -21.91
CA GLU A 73 -2.69 -15.62 -21.23
C GLU A 73 -2.92 -15.44 -19.72
N GLY A 74 -2.34 -14.36 -19.15
CA GLY A 74 -2.46 -13.95 -17.76
C GLY A 74 -2.08 -14.98 -16.72
N GLN A 75 -1.00 -15.74 -16.97
CA GLN A 75 -0.53 -16.76 -16.03
C GLN A 75 0.89 -16.48 -15.51
N HIS A 76 1.86 -16.27 -16.41
CA HIS A 76 3.26 -15.99 -16.03
C HIS A 76 3.45 -14.59 -15.48
N LYS A 77 4.50 -14.41 -14.68
CA LYS A 77 4.91 -13.14 -14.08
C LYS A 77 6.34 -12.93 -14.54
N VAL A 78 6.63 -11.77 -15.12
CA VAL A 78 7.99 -11.51 -15.63
C VAL A 78 8.64 -10.37 -14.85
N LEU A 79 9.81 -10.67 -14.26
CA LEU A 79 10.60 -9.71 -13.51
C LEU A 79 11.96 -9.48 -14.18
N VAL A 80 12.18 -8.25 -14.65
CA VAL A 80 13.44 -7.83 -15.25
C VAL A 80 14.13 -6.92 -14.23
N VAL A 81 15.27 -7.37 -13.69
CA VAL A 81 16.05 -6.59 -12.73
C VAL A 81 17.23 -5.93 -13.49
N LEU A 82 17.34 -4.60 -13.37
CA LEU A 82 18.43 -3.82 -13.96
C LEU A 82 19.29 -3.24 -12.83
N GLN A 83 20.60 -3.51 -12.90
CA GLN A 83 21.61 -3.03 -11.96
C GLN A 83 22.79 -2.59 -12.79
N ALA A 84 23.34 -1.42 -12.44
CA ALA A 84 24.51 -0.79 -13.09
C ALA A 84 25.04 0.31 -12.22
N MET A 85 26.26 0.77 -12.51
CA MET A 85 26.88 1.91 -11.85
C MET A 85 26.12 3.16 -12.36
N ASP A 86 26.27 4.32 -11.68
CA ASP A 86 25.61 5.53 -12.18
C ASP A 86 26.08 5.81 -13.62
N ALA A 87 25.12 6.07 -14.51
CA ALA A 87 25.30 6.31 -15.96
C ALA A 87 25.59 5.02 -16.74
N GLY A 88 25.35 3.86 -16.09
CA GLY A 88 25.57 2.53 -16.65
C GLY A 88 24.61 2.10 -17.73
N GLY A 89 23.48 2.81 -17.88
CA GLY A 89 22.48 2.57 -18.91
C GLY A 89 21.13 1.99 -18.50
N LYS A 90 20.76 2.12 -17.21
CA LYS A 90 19.46 1.61 -16.73
C LYS A 90 18.25 2.31 -17.39
N ASP A 91 18.22 3.67 -17.39
CA ASP A 91 17.14 4.44 -18.00
C ASP A 91 17.04 4.23 -19.51
N GLY A 92 18.21 4.18 -20.18
CA GLY A 92 18.33 3.96 -21.60
C GLY A 92 17.80 2.61 -22.06
N THR A 93 18.07 1.56 -21.26
CA THR A 93 17.61 0.19 -21.54
C THR A 93 16.07 0.14 -21.52
N ILE A 94 15.45 0.73 -20.49
CA ILE A 94 13.99 0.78 -20.35
C ILE A 94 13.38 1.47 -21.56
N ARG A 95 13.91 2.66 -21.87
CA ARG A 95 13.48 3.53 -22.97
C ARG A 95 13.52 2.81 -24.32
N VAL A 96 14.68 2.22 -24.69
CA VAL A 96 14.91 1.59 -25.99
C VAL A 96 14.33 0.17 -26.09
N VAL A 97 14.65 -0.73 -25.13
CA VAL A 97 14.17 -2.13 -25.19
C VAL A 97 12.64 -2.23 -25.16
N PHE A 98 11.98 -1.46 -24.28
CA PHE A 98 10.53 -1.53 -24.11
C PHE A 98 9.76 -0.48 -24.91
N ASP A 99 10.42 0.12 -25.91
CA ASP A 99 9.84 1.11 -26.81
C ASP A 99 8.74 0.47 -27.64
N GLY A 100 7.52 1.00 -27.50
CA GLY A 100 6.36 0.51 -28.21
C GLY A 100 5.58 -0.59 -27.50
N VAL A 101 6.18 -1.18 -26.46
CA VAL A 101 5.55 -2.23 -25.67
C VAL A 101 4.40 -1.60 -24.84
N ASN A 102 3.17 -2.17 -24.93
CA ASN A 102 1.93 -1.71 -24.28
C ASN A 102 2.11 -1.33 -22.79
N PRO A 103 1.78 -0.07 -22.39
CA PRO A 103 1.91 0.33 -20.98
C PRO A 103 1.01 -0.41 -20.00
N SER A 104 -0.08 -1.04 -20.49
CA SER A 104 -1.04 -1.78 -19.67
C SER A 104 -0.46 -3.04 -19.04
N GLY A 105 0.56 -3.63 -19.66
CA GLY A 105 1.23 -4.83 -19.20
C GLY A 105 2.69 -4.66 -18.83
N VAL A 106 3.19 -3.41 -18.88
CA VAL A 106 4.58 -3.08 -18.55
C VAL A 106 4.62 -2.02 -17.45
N ARG A 107 5.38 -2.29 -16.38
CA ARG A 107 5.52 -1.39 -15.23
C ARG A 107 6.98 -1.26 -14.80
N VAL A 108 7.36 -0.03 -14.44
CA VAL A 108 8.70 0.28 -13.92
C VAL A 108 8.58 0.61 -12.44
N ALA A 109 9.37 -0.09 -11.62
CA ALA A 109 9.46 0.14 -10.18
C ALA A 109 10.90 0.56 -9.88
N SER A 110 11.09 1.82 -9.48
CA SER A 110 12.40 2.37 -9.14
C SER A 110 12.64 2.27 -7.65
N PHE A 111 13.87 1.90 -7.28
CA PHE A 111 14.26 1.79 -5.88
C PHE A 111 15.39 2.76 -5.55
N GLY A 112 15.03 3.79 -4.79
CA GLY A 112 15.92 4.86 -4.38
C GLY A 112 16.25 4.85 -2.89
N VAL A 113 16.68 6.01 -2.37
CA VAL A 113 17.04 6.17 -0.96
C VAL A 113 15.84 5.76 -0.09
N PRO A 114 15.99 4.71 0.75
CA PRO A 114 14.86 4.25 1.58
C PRO A 114 14.30 5.28 2.52
N THR A 115 12.97 5.35 2.63
CA THR A 115 12.26 6.25 3.55
C THR A 115 12.26 5.62 4.95
N GLU A 116 11.78 6.39 5.95
CA GLU A 116 11.71 5.92 7.34
C GLU A 116 10.77 4.73 7.48
N GLN A 117 9.62 4.74 6.76
CA GLN A 117 8.64 3.64 6.73
C GLN A 117 9.32 2.38 6.18
N GLU A 118 10.07 2.56 5.08
CA GLU A 118 10.81 1.51 4.38
C GLU A 118 11.88 0.85 5.26
N LEU A 119 12.67 1.68 5.97
CA LEU A 119 13.72 1.24 6.89
C LEU A 119 13.19 0.60 8.20
N ALA A 120 11.91 0.85 8.55
CA ALA A 120 11.25 0.32 9.75
C ALA A 120 10.88 -1.15 9.62
N ARG A 121 10.86 -1.67 8.39
CA ARG A 121 10.61 -3.08 8.11
C ARG A 121 11.88 -3.64 7.48
N ASP A 122 11.91 -4.98 7.24
CA ASP A 122 13.04 -5.64 6.59
C ASP A 122 13.26 -5.02 5.20
N TYR A 123 14.51 -5.00 4.72
CA TYR A 123 14.87 -4.42 3.42
C TYR A 123 14.10 -5.02 2.22
N LEU A 124 13.57 -6.27 2.35
CA LEU A 124 12.83 -6.94 1.26
C LEU A 124 11.36 -6.50 1.15
N TRP A 125 10.80 -5.91 2.22
CA TRP A 125 9.43 -5.41 2.31
C TRP A 125 9.04 -4.48 1.14
N ARG A 126 9.80 -3.40 0.89
CA ARG A 126 9.48 -2.45 -0.17
C ARG A 126 9.62 -3.05 -1.58
N VAL A 127 10.51 -4.03 -1.71
CA VAL A 127 10.82 -4.68 -2.97
C VAL A 127 9.77 -5.75 -3.31
N HIS A 128 9.37 -6.58 -2.32
CA HIS A 128 8.36 -7.63 -2.49
C HIS A 128 7.01 -7.01 -2.89
N GLN A 129 6.71 -5.82 -2.36
CA GLN A 129 5.52 -5.04 -2.65
C GLN A 129 5.30 -4.82 -4.17
N GLN A 130 6.40 -4.56 -4.88
CA GLN A 130 6.43 -4.23 -6.30
C GLN A 130 6.55 -5.40 -7.28
N VAL A 131 6.60 -6.66 -6.78
CA VAL A 131 6.73 -7.85 -7.63
C VAL A 131 5.63 -7.89 -8.71
N PRO A 132 5.91 -8.42 -9.94
CA PRO A 132 4.84 -8.47 -10.97
C PRO A 132 3.71 -9.44 -10.63
N ARG A 133 2.49 -9.10 -11.05
CA ARG A 133 1.32 -9.96 -10.91
C ARG A 133 1.21 -10.82 -12.19
N LYS A 134 0.28 -11.79 -12.22
CA LYS A 134 0.05 -12.65 -13.38
C LYS A 134 -0.27 -11.79 -14.61
N GLY A 135 0.42 -12.09 -15.71
CA GLY A 135 0.30 -11.41 -16.99
C GLY A 135 0.99 -10.06 -17.09
N GLU A 136 1.78 -9.69 -16.06
CA GLU A 136 2.49 -8.41 -15.98
C GLU A 136 4.01 -8.59 -16.13
N LEU A 137 4.67 -7.61 -16.79
CA LEU A 137 6.12 -7.54 -16.93
C LEU A 137 6.55 -6.33 -16.11
N VAL A 138 7.36 -6.54 -15.06
CA VAL A 138 7.85 -5.48 -14.21
C VAL A 138 9.36 -5.32 -14.33
N ILE A 139 9.82 -4.07 -14.55
CA ILE A 139 11.24 -3.73 -14.59
C ILE A 139 11.62 -3.04 -13.28
N PHE A 140 12.65 -3.57 -12.61
CA PHE A 140 13.19 -3.00 -11.38
C PHE A 140 14.41 -2.16 -11.78
N ASN A 141 14.28 -0.82 -11.66
CA ASN A 141 15.36 0.12 -11.93
C ASN A 141 15.99 0.28 -10.55
N ARG A 142 17.05 -0.52 -10.32
CA ARG A 142 17.72 -0.76 -9.05
C ARG A 142 16.77 -1.73 -8.31
N SER A 143 17.24 -2.44 -7.30
CA SER A 143 16.39 -3.44 -6.66
C SER A 143 16.81 -3.72 -5.24
N HIS A 144 16.46 -4.91 -4.72
CA HIS A 144 16.84 -5.45 -3.42
C HIS A 144 18.36 -5.64 -3.34
N TYR A 145 19.02 -5.73 -4.51
CA TYR A 145 20.48 -5.85 -4.63
C TYR A 145 21.22 -4.66 -4.08
N GLU A 146 20.60 -3.47 -4.08
CA GLU A 146 21.17 -2.25 -3.50
C GLU A 146 21.51 -2.47 -2.00
N ASP A 147 20.81 -3.43 -1.34
CA ASP A 147 21.00 -3.77 0.07
C ASP A 147 22.22 -4.70 0.33
N VAL A 148 23.05 -4.95 -0.72
CA VAL A 148 24.33 -5.69 -0.71
C VAL A 148 25.34 -4.95 -1.62
N LEU A 149 24.93 -3.78 -2.13
CA LEU A 149 25.76 -2.93 -2.99
C LEU A 149 26.13 -1.63 -2.27
N VAL A 150 25.35 -0.54 -2.41
CA VAL A 150 25.57 0.77 -1.74
C VAL A 150 25.66 0.56 -0.21
N VAL A 151 24.77 -0.31 0.34
CA VAL A 151 24.70 -0.64 1.78
C VAL A 151 26.03 -1.23 2.28
N ARG A 152 26.66 -2.09 1.46
CA ARG A 152 27.94 -2.74 1.74
C ARG A 152 29.09 -1.73 1.66
N VAL A 153 29.19 -1.05 0.50
CA VAL A 153 30.22 -0.05 0.16
C VAL A 153 30.30 1.05 1.22
N LYS A 154 29.16 1.65 1.57
CA LYS A 154 29.07 2.75 2.52
C LYS A 154 28.85 2.28 3.97
N ASN A 155 28.80 0.95 4.19
CA ASN A 155 28.61 0.31 5.51
C ASN A 155 27.40 0.91 6.25
N LEU A 156 26.23 0.84 5.60
CA LEU A 156 24.98 1.36 6.15
C LEU A 156 24.41 0.43 7.21
N VAL A 157 24.89 -0.83 7.20
CA VAL A 157 24.65 -1.92 8.17
C VAL A 157 26.01 -2.63 8.27
N PRO A 158 26.37 -3.28 9.40
CA PRO A 158 27.69 -3.94 9.47
C PRO A 158 27.79 -5.17 8.58
N GLN A 159 29.04 -5.57 8.27
CA GLN A 159 29.45 -6.74 7.50
C GLN A 159 28.67 -8.01 7.92
N GLN A 160 28.44 -8.16 9.23
CA GLN A 160 27.70 -9.26 9.88
C GLN A 160 26.27 -9.35 9.35
N VAL A 161 25.62 -8.20 9.13
CA VAL A 161 24.23 -8.14 8.69
C VAL A 161 24.09 -8.39 7.17
N TRP A 162 24.78 -7.59 6.33
CA TRP A 162 24.65 -7.68 4.87
C TRP A 162 25.20 -8.99 4.26
N GLN A 163 26.10 -9.71 4.97
CA GLN A 163 26.63 -10.97 4.45
C GLN A 163 25.55 -12.06 4.46
N LYS A 164 24.64 -12.03 5.45
CA LYS A 164 23.53 -12.99 5.56
C LYS A 164 22.48 -12.77 4.46
N ARG A 165 22.45 -11.55 3.86
CA ARG A 165 21.50 -11.11 2.85
C ARG A 165 21.62 -11.80 1.51
N TYR A 166 22.75 -12.44 1.26
CA TYR A 166 22.97 -13.16 0.02
C TYR A 166 22.04 -14.36 -0.04
N ARG A 167 21.98 -15.13 1.08
CA ARG A 167 21.11 -16.27 1.27
C ARG A 167 19.65 -15.83 1.22
N HIS A 168 19.30 -14.69 1.88
CA HIS A 168 17.94 -14.14 1.88
C HIS A 168 17.45 -13.94 0.44
N ILE A 169 18.27 -13.25 -0.39
CA ILE A 169 17.98 -12.96 -1.80
C ILE A 169 17.76 -14.25 -2.61
N ARG A 170 18.70 -15.21 -2.54
CA ARG A 170 18.61 -16.51 -3.22
C ARG A 170 17.28 -17.22 -2.90
N GLU A 171 16.89 -17.20 -1.63
CA GLU A 171 15.69 -17.84 -1.13
C GLU A 171 14.39 -17.07 -1.44
N PHE A 172 14.46 -15.74 -1.52
CA PHE A 172 13.33 -14.90 -1.88
C PHE A 172 13.04 -15.13 -3.38
N GLU A 173 14.12 -15.14 -4.18
CA GLU A 173 14.06 -15.38 -5.62
C GLU A 173 13.64 -16.81 -5.95
N ARG A 174 13.95 -17.80 -5.07
CA ARG A 174 13.54 -19.20 -5.27
C ARG A 174 12.03 -19.30 -5.13
N MET A 175 11.51 -18.70 -4.05
CA MET A 175 10.10 -18.63 -3.73
C MET A 175 9.33 -17.98 -4.89
N LEU A 176 9.82 -16.84 -5.41
CA LEU A 176 9.20 -16.11 -6.53
C LEU A 176 9.13 -16.99 -7.76
N ALA A 177 10.27 -17.65 -8.11
CA ALA A 177 10.39 -18.52 -9.28
C ALA A 177 9.53 -19.76 -9.16
N ASP A 178 9.51 -20.39 -7.97
CA ASP A 178 8.69 -21.57 -7.71
C ASP A 178 7.21 -21.24 -7.87
N GLU A 179 6.82 -20.00 -7.49
CA GLU A 179 5.44 -19.50 -7.53
C GLU A 179 5.03 -18.89 -8.89
N GLY A 180 5.88 -19.03 -9.90
CA GLY A 180 5.57 -18.64 -11.28
C GLY A 180 6.17 -17.38 -11.85
N THR A 181 7.26 -16.88 -11.27
CA THR A 181 7.93 -15.68 -11.76
C THR A 181 9.18 -16.06 -12.55
N THR A 182 9.32 -15.48 -13.75
CA THR A 182 10.47 -15.65 -14.63
C THR A 182 11.37 -14.45 -14.29
N ILE A 183 12.54 -14.72 -13.70
CA ILE A 183 13.47 -13.71 -13.22
C ILE A 183 14.69 -13.55 -14.13
N LEU A 184 14.83 -12.38 -14.74
CA LEU A 184 15.96 -12.02 -15.59
C LEU A 184 16.70 -10.90 -14.89
N LYS A 185 17.94 -11.15 -14.47
CA LYS A 185 18.74 -10.12 -13.81
C LYS A 185 19.87 -9.72 -14.75
N PHE A 186 19.92 -8.41 -15.07
CA PHE A 186 20.92 -7.87 -15.97
C PHE A 186 21.82 -6.89 -15.26
N PHE A 187 23.14 -7.14 -15.33
CA PHE A 187 24.14 -6.22 -14.84
C PHE A 187 24.73 -5.52 -16.06
N LEU A 188 24.39 -4.24 -16.22
CA LEU A 188 24.86 -3.42 -17.32
C LEU A 188 26.27 -2.96 -16.94
N HIS A 189 27.28 -3.62 -17.53
CA HIS A 189 28.70 -3.47 -17.24
C HIS A 189 29.41 -2.43 -18.09
N ILE A 190 29.70 -1.27 -17.50
CA ILE A 190 30.46 -0.16 -18.13
C ILE A 190 31.83 -0.03 -17.47
N SER A 191 32.80 0.58 -18.15
CA SER A 191 34.16 0.75 -17.65
C SER A 191 34.28 2.06 -16.88
N LYS A 192 35.34 2.21 -16.04
CA LYS A 192 35.60 3.42 -15.25
C LYS A 192 35.75 4.63 -16.18
N ASP A 193 36.45 4.45 -17.31
CA ASP A 193 36.66 5.52 -18.29
C ASP A 193 35.37 5.90 -19.01
N GLU A 194 34.48 4.90 -19.29
CA GLU A 194 33.19 5.12 -19.92
C GLU A 194 32.30 5.95 -19.01
N GLN A 195 32.33 5.68 -17.69
CA GLN A 195 31.55 6.45 -16.71
C GLN A 195 32.00 7.91 -16.69
N ARG A 196 33.33 8.15 -16.74
CA ARG A 196 33.91 9.49 -16.74
C ARG A 196 33.37 10.31 -17.92
N GLN A 197 33.36 9.70 -19.13
CA GLN A 197 32.88 10.32 -20.37
C GLN A 197 31.39 10.65 -20.26
N ARG A 198 30.58 9.65 -19.81
CA ARG A 198 29.13 9.77 -19.64
C ARG A 198 28.74 10.78 -18.58
N LEU A 199 29.46 10.84 -17.44
CA LEU A 199 29.19 11.80 -16.37
C LEU A 199 29.50 13.22 -16.82
N GLN A 200 30.57 13.39 -17.62
CA GLN A 200 30.97 14.67 -18.18
C GLN A 200 29.94 15.11 -19.23
N GLU A 201 29.53 14.18 -20.12
CA GLU A 201 28.53 14.42 -21.16
C GLU A 201 27.19 14.83 -20.54
N ARG A 202 26.85 14.24 -19.38
CA ARG A 202 25.63 14.52 -18.60
C ARG A 202 25.68 15.96 -18.08
N LEU A 203 26.84 16.36 -17.54
CA LEU A 203 27.14 17.69 -16.99
C LEU A 203 27.11 18.78 -18.07
N ASP A 204 27.62 18.47 -19.29
CA ASP A 204 27.69 19.41 -20.41
C ASP A 204 26.38 19.51 -21.23
N ASN A 205 25.45 18.56 -21.04
CA ASN A 205 24.15 18.54 -21.71
C ASN A 205 23.14 19.26 -20.82
N PRO A 206 22.50 20.36 -21.31
CA PRO A 206 21.52 21.08 -20.46
C PRO A 206 20.26 20.29 -20.14
N GLU A 207 19.86 19.37 -21.05
CA GLU A 207 18.68 18.51 -20.90
C GLU A 207 18.98 17.25 -20.04
N LYS A 208 20.25 17.05 -19.66
CA LYS A 208 20.70 15.92 -18.85
C LYS A 208 21.37 16.35 -17.53
N ARG A 209 21.73 17.65 -17.42
CA ARG A 209 22.36 18.30 -16.27
C ARG A 209 21.63 18.06 -14.93
N TRP A 210 20.32 17.78 -14.99
CA TRP A 210 19.44 17.53 -13.84
C TRP A 210 19.68 16.17 -13.19
N LYS A 211 20.14 15.17 -13.97
CA LYS A 211 20.45 13.81 -13.50
C LYS A 211 21.66 13.81 -12.57
N PHE A 212 22.55 14.82 -12.77
CA PHE A 212 23.78 15.01 -12.00
C PHE A 212 23.53 15.56 -10.59
N ARG A 213 24.13 14.89 -9.60
CA ARG A 213 24.11 15.24 -8.17
C ARG A 213 25.56 15.39 -7.72
N MET A 214 25.80 16.13 -6.62
CA MET A 214 27.15 16.30 -6.08
C MET A 214 27.72 15.00 -5.52
N GLY A 215 26.83 14.16 -4.97
CA GLY A 215 27.15 12.85 -4.41
C GLY A 215 27.70 11.83 -5.40
N ASP A 216 27.58 12.13 -6.71
CA ASP A 216 28.08 11.29 -7.82
C ASP A 216 29.62 11.20 -7.84
N LEU A 217 30.29 12.21 -7.26
CA LEU A 217 31.75 12.28 -7.16
C LEU A 217 32.27 11.30 -6.10
N GLU A 218 31.56 11.18 -4.95
CA GLU A 218 31.90 10.27 -3.86
C GLU A 218 31.76 8.81 -4.34
N ASP A 219 30.73 8.54 -5.17
CA ASP A 219 30.48 7.22 -5.73
C ASP A 219 31.49 6.86 -6.81
N ARG A 220 32.16 7.88 -7.41
CA ARG A 220 33.19 7.67 -8.42
C ARG A 220 34.49 7.24 -7.71
N ARG A 221 34.75 7.83 -6.53
CA ARG A 221 35.90 7.54 -5.68
C ARG A 221 35.83 6.08 -5.16
N LEU A 222 34.60 5.55 -4.99
CA LEU A 222 34.33 4.20 -4.49
C LEU A 222 34.12 3.17 -5.61
N TRP A 223 34.53 3.50 -6.87
CA TRP A 223 34.39 2.63 -8.05
C TRP A 223 34.80 1.17 -7.78
N ASP A 224 36.03 0.95 -7.29
CA ASP A 224 36.62 -0.37 -7.01
C ASP A 224 35.83 -1.17 -5.98
N ARG A 225 35.36 -0.51 -4.90
CA ARG A 225 34.56 -1.15 -3.84
C ARG A 225 33.22 -1.62 -4.41
N TYR A 226 32.63 -0.81 -5.30
CA TYR A 226 31.37 -1.12 -5.99
C TYR A 226 31.54 -2.30 -6.95
N GLN A 227 32.70 -2.40 -7.61
CA GLN A 227 33.00 -3.50 -8.53
C GLN A 227 33.14 -4.79 -7.72
N GLU A 228 33.81 -4.70 -6.55
CA GLU A 228 34.00 -5.80 -5.62
C GLU A 228 32.64 -6.28 -5.10
N ALA A 229 31.71 -5.33 -4.83
CA ALA A 229 30.35 -5.56 -4.34
C ALA A 229 29.52 -6.28 -5.38
N TYR A 230 29.58 -5.83 -6.67
CA TYR A 230 28.86 -6.45 -7.79
C TYR A 230 29.35 -7.87 -8.04
N GLU A 231 30.69 -8.08 -8.07
CA GLU A 231 31.29 -9.42 -8.24
C GLU A 231 30.79 -10.36 -7.15
N ALA A 232 30.83 -9.93 -5.88
CA ALA A 232 30.36 -10.73 -4.74
C ALA A 232 28.87 -11.07 -4.86
N ALA A 233 28.02 -10.06 -5.21
CA ALA A 233 26.56 -10.20 -5.37
C ALA A 233 26.21 -11.19 -6.47
N ILE A 234 26.81 -11.00 -7.67
CA ILE A 234 26.58 -11.87 -8.82
C ILE A 234 27.04 -13.31 -8.55
N ARG A 235 28.26 -13.49 -7.99
CA ARG A 235 28.81 -14.81 -7.65
C ARG A 235 27.88 -15.54 -6.69
N GLU A 236 27.36 -14.83 -5.68
CA GLU A 236 26.48 -15.36 -4.64
C GLU A 236 25.05 -15.61 -5.07
N THR A 237 24.49 -14.79 -5.98
CA THR A 237 23.06 -14.90 -6.30
C THR A 237 22.69 -15.39 -7.72
N SER A 238 23.67 -15.67 -8.58
CA SER A 238 23.34 -16.20 -9.90
C SER A 238 22.99 -17.67 -9.76
N THR A 239 21.70 -18.00 -9.97
CA THR A 239 21.16 -19.35 -9.81
C THR A 239 20.50 -19.85 -11.10
N GLU A 240 20.08 -21.13 -11.09
CA GLU A 240 19.41 -21.77 -12.22
C GLU A 240 18.02 -21.13 -12.39
N TYR A 241 17.35 -20.78 -11.26
CA TYR A 241 16.01 -20.17 -11.24
C TYR A 241 16.04 -18.65 -11.48
N ALA A 242 17.09 -17.97 -11.02
CA ALA A 242 17.23 -16.52 -11.18
C ALA A 242 18.66 -16.24 -11.67
N PRO A 243 18.93 -16.37 -13.00
CA PRO A 243 20.28 -16.13 -13.48
C PRO A 243 20.67 -14.65 -13.62
N TRP A 244 21.97 -14.39 -13.48
CA TRP A 244 22.56 -13.08 -13.72
C TRP A 244 23.17 -13.11 -15.13
N TYR A 245 23.03 -12.00 -15.85
CA TYR A 245 23.61 -11.81 -17.17
C TYR A 245 24.49 -10.56 -17.10
N VAL A 246 25.75 -10.68 -17.48
CA VAL A 246 26.67 -9.53 -17.51
C VAL A 246 26.61 -8.99 -18.93
N ILE A 247 26.05 -7.78 -19.08
CA ILE A 247 25.86 -7.14 -20.38
C ILE A 247 26.96 -6.09 -20.60
N PRO A 248 27.88 -6.28 -21.59
CA PRO A 248 28.88 -5.23 -21.87
C PRO A 248 28.10 -4.00 -22.36
N ALA A 249 28.02 -2.96 -21.50
CA ALA A 249 27.19 -1.79 -21.72
C ALA A 249 27.91 -0.52 -22.18
N ASN A 250 29.19 -0.63 -22.58
CA ASN A 250 29.95 0.53 -23.08
C ASN A 250 29.39 1.07 -24.40
N LYS A 251 28.88 0.15 -25.28
CA LYS A 251 28.24 0.49 -26.55
C LYS A 251 26.74 0.25 -26.34
N ASN A 252 25.95 1.35 -26.30
CA ASN A 252 24.50 1.31 -26.10
C ASN A 252 23.78 0.42 -27.12
N TRP A 253 24.23 0.44 -28.39
CA TRP A 253 23.64 -0.37 -29.46
C TRP A 253 23.74 -1.86 -29.17
N TYR A 254 24.89 -2.28 -28.62
CA TYR A 254 25.13 -3.67 -28.28
C TYR A 254 24.35 -4.06 -27.04
N ARG A 255 24.35 -3.18 -26.02
CA ARG A 255 23.63 -3.34 -24.77
C ARG A 255 22.13 -3.56 -25.07
N ASN A 256 21.54 -2.66 -25.87
CA ASN A 256 20.12 -2.73 -26.26
C ASN A 256 19.76 -4.01 -27.02
N TRP A 257 20.62 -4.41 -27.98
CA TRP A 257 20.43 -5.64 -28.77
C TRP A 257 20.51 -6.92 -27.90
N LEU A 258 21.56 -7.03 -27.06
CA LEU A 258 21.82 -8.20 -26.20
C LEU A 258 20.74 -8.41 -25.13
N VAL A 259 20.29 -7.31 -24.47
CA VAL A 259 19.23 -7.36 -23.47
C VAL A 259 17.94 -7.83 -24.15
N SER A 260 17.61 -7.27 -25.33
CA SER A 260 16.42 -7.62 -26.12
C SER A 260 16.45 -9.07 -26.55
N HIS A 261 17.63 -9.55 -27.06
CA HIS A 261 17.81 -10.93 -27.48
C HIS A 261 17.56 -11.92 -26.33
N ILE A 262 18.21 -11.71 -25.18
CA ILE A 262 18.07 -12.56 -23.98
C ILE A 262 16.60 -12.56 -23.50
N LEU A 263 15.95 -11.39 -23.43
CA LEU A 263 14.55 -11.26 -23.01
C LEU A 263 13.58 -11.96 -23.96
N VAL A 264 13.75 -11.77 -25.28
CA VAL A 264 12.90 -12.39 -26.30
C VAL A 264 13.06 -13.92 -26.27
N GLU A 265 14.32 -14.43 -26.21
CA GLU A 265 14.60 -15.87 -26.12
C GLU A 265 13.92 -16.52 -24.91
N THR A 266 13.96 -15.84 -23.74
CA THR A 266 13.34 -16.29 -22.50
C THR A 266 11.82 -16.38 -22.63
N LEU A 267 11.18 -15.27 -23.09
CA LEU A 267 9.75 -15.19 -23.31
C LEU A 267 9.23 -16.18 -24.38
N GLU A 268 10.04 -16.45 -25.44
CA GLU A 268 9.71 -17.44 -26.48
C GLU A 268 9.73 -18.84 -25.84
N GLY A 269 10.63 -19.03 -24.89
CA GLY A 269 10.79 -20.28 -24.14
C GLY A 269 9.65 -20.61 -23.21
N LEU A 270 8.81 -19.62 -22.85
CA LEU A 270 7.66 -19.83 -21.96
C LEU A 270 6.50 -20.53 -22.68
N ALA A 271 6.57 -20.60 -24.04
CA ALA A 271 5.57 -21.20 -24.93
C ALA A 271 4.13 -20.77 -24.58
N MET A 272 3.96 -19.44 -24.40
CA MET A 272 2.70 -18.81 -24.04
C MET A 272 1.66 -18.96 -25.13
N GLN A 273 0.39 -19.15 -24.75
CA GLN A 273 -0.70 -19.36 -25.70
C GLN A 273 -1.87 -18.42 -25.41
N TYR A 274 -2.56 -17.95 -26.47
CA TYR A 274 -3.74 -17.09 -26.37
C TYR A 274 -4.91 -17.96 -25.84
N PRO A 275 -5.64 -17.52 -24.78
CA PRO A 275 -6.74 -18.36 -24.26
C PRO A 275 -7.83 -18.68 -25.27
N GLN A 276 -8.42 -19.90 -25.15
CA GLN A 276 -9.46 -20.46 -26.00
C GLN A 276 -10.78 -19.71 -25.91
N MET B 21 8.27 -25.43 31.39
CA MET B 21 7.71 -24.49 30.43
C MET B 21 8.35 -24.57 29.03
N LYS B 22 9.58 -25.14 28.94
CA LYS B 22 10.34 -25.32 27.69
C LYS B 22 9.93 -26.66 27.01
N LYS B 23 8.97 -27.36 27.63
CA LYS B 23 8.39 -28.63 27.18
C LYS B 23 7.41 -28.43 26.02
N TYR B 24 6.92 -27.19 25.84
CA TYR B 24 5.99 -26.84 24.78
C TYR B 24 6.68 -26.29 23.54
N ARG B 25 7.98 -25.94 23.65
CA ARG B 25 8.79 -25.44 22.52
C ARG B 25 9.19 -26.62 21.66
N VAL B 26 8.81 -26.59 20.36
CA VAL B 26 9.13 -27.66 19.41
C VAL B 26 10.58 -27.50 18.95
N GLN B 27 11.44 -28.46 19.33
CA GLN B 27 12.86 -28.50 18.98
C GLN B 27 13.06 -28.60 17.46
N PRO B 28 14.09 -27.90 16.89
CA PRO B 28 14.31 -28.01 15.43
C PRO B 28 15.04 -29.30 15.02
N ASP B 29 14.49 -30.46 15.43
CA ASP B 29 15.07 -31.77 15.12
C ASP B 29 14.31 -32.55 14.03
N GLY B 30 13.13 -32.06 13.65
CA GLY B 30 12.27 -32.70 12.66
C GLY B 30 11.72 -34.04 13.12
N ARG B 31 11.56 -34.22 14.44
CA ARG B 31 11.07 -35.45 15.06
C ARG B 31 9.75 -35.22 15.81
N PHE B 32 9.10 -34.06 15.57
CA PHE B 32 7.84 -33.65 16.21
C PHE B 32 6.66 -34.58 15.89
N GLU B 33 5.94 -34.97 16.95
CA GLU B 33 4.73 -35.80 16.88
C GLU B 33 3.65 -35.14 17.73
N LEU B 34 2.54 -34.72 17.09
CA LEU B 34 1.41 -34.04 17.72
C LEU B 34 0.67 -34.91 18.76
N LYS B 35 0.74 -36.26 18.62
CA LYS B 35 0.13 -37.21 19.55
C LYS B 35 0.77 -37.15 20.95
N ARG B 36 2.02 -36.67 21.05
CA ARG B 36 2.77 -36.48 22.30
C ARG B 36 2.25 -35.26 23.09
N PHE B 37 1.27 -34.54 22.53
CA PHE B 37 0.66 -33.35 23.11
C PHE B 37 -0.82 -33.56 23.37
N ASP B 38 -1.24 -33.45 24.63
CA ASP B 38 -2.63 -33.63 25.04
C ASP B 38 -3.28 -32.25 25.16
N PRO B 39 -4.39 -31.98 24.40
CA PRO B 39 -5.08 -30.68 24.53
C PRO B 39 -5.59 -30.36 25.94
N ASP B 40 -5.83 -31.39 26.78
CA ASP B 40 -6.32 -31.23 28.16
C ASP B 40 -5.20 -31.13 29.21
N ASP B 41 -3.94 -31.11 28.78
CA ASP B 41 -2.77 -30.99 29.64
C ASP B 41 -2.68 -29.58 30.29
N THR B 42 -2.42 -29.55 31.61
CA THR B 42 -2.29 -28.34 32.44
C THR B 42 -1.11 -28.46 33.44
N SER B 43 -0.15 -29.38 33.16
CA SER B 43 1.00 -29.72 34.02
C SER B 43 1.98 -28.55 34.33
N ALA B 44 2.05 -27.51 33.47
CA ALA B 44 2.94 -26.36 33.74
C ALA B 44 2.40 -25.40 34.82
N PHE B 45 1.10 -25.52 35.17
CA PHE B 45 0.47 -24.68 36.19
C PHE B 45 -0.03 -25.51 37.33
N GLU B 46 0.55 -25.25 38.51
CA GLU B 46 0.27 -25.90 39.79
C GLU B 46 -0.97 -25.24 40.41
N GLY B 47 -2.12 -25.58 39.84
CA GLY B 47 -3.43 -25.06 40.23
C GLY B 47 -4.46 -25.07 39.11
N GLY B 48 -5.56 -24.37 39.35
CA GLY B 48 -6.67 -24.30 38.39
C GLY B 48 -6.97 -22.90 37.91
N LYS B 49 -8.21 -22.70 37.40
CA LYS B 49 -8.75 -21.48 36.84
C LYS B 49 -8.58 -20.25 37.74
N GLN B 50 -8.95 -20.34 39.03
CA GLN B 50 -8.89 -19.20 39.94
C GLN B 50 -7.47 -18.66 40.21
N ALA B 51 -6.49 -19.55 40.41
CA ALA B 51 -5.10 -19.19 40.65
C ALA B 51 -4.45 -18.68 39.36
N ALA B 52 -4.82 -19.28 38.24
CA ALA B 52 -4.31 -18.93 36.92
C ALA B 52 -4.75 -17.54 36.47
N LEU B 53 -5.97 -17.10 36.85
CA LEU B 53 -6.48 -15.77 36.51
C LEU B 53 -5.65 -14.70 37.21
N GLU B 54 -5.27 -14.96 38.47
CA GLU B 54 -4.44 -14.08 39.30
C GLU B 54 -3.04 -13.97 38.68
N ALA B 55 -2.44 -15.12 38.31
CA ALA B 55 -1.12 -15.25 37.69
C ALA B 55 -1.07 -14.54 36.34
N LEU B 56 -2.18 -14.66 35.55
CA LEU B 56 -2.36 -14.04 34.25
C LEU B 56 -2.40 -12.51 34.39
N ALA B 57 -3.09 -11.98 35.43
CA ALA B 57 -3.20 -10.54 35.70
C ALA B 57 -1.81 -9.92 35.94
N VAL B 58 -0.91 -10.68 36.61
CA VAL B 58 0.47 -10.29 36.90
C VAL B 58 1.28 -10.25 35.59
N LEU B 59 1.15 -11.28 34.75
CA LEU B 59 1.81 -11.39 33.43
C LEU B 59 1.32 -10.31 32.46
N ASN B 60 0.00 -10.00 32.49
CA ASN B 60 -0.62 -8.98 31.63
C ASN B 60 -0.09 -7.59 31.97
N ARG B 61 0.12 -7.30 33.28
CA ARG B 61 0.67 -6.02 33.73
C ARG B 61 2.12 -5.88 33.22
N ARG B 62 2.91 -6.97 33.30
CA ARG B 62 4.29 -7.05 32.81
C ARG B 62 4.30 -6.87 31.27
N LEU B 63 3.34 -7.52 30.55
CA LEU B 63 3.20 -7.40 29.10
C LEU B 63 2.93 -5.95 28.67
N GLU B 64 2.04 -5.24 29.40
CA GLU B 64 1.70 -3.83 29.15
C GLU B 64 2.96 -2.96 29.23
N LYS B 65 3.78 -3.17 30.29
CA LYS B 65 5.04 -2.46 30.52
C LYS B 65 6.08 -2.80 29.44
N LEU B 66 6.19 -4.10 29.06
CA LEU B 66 7.14 -4.57 28.03
C LEU B 66 6.85 -4.00 26.65
N GLN B 67 5.57 -3.81 26.32
CA GLN B 67 5.15 -3.21 25.04
C GLN B 67 5.48 -1.72 25.01
N GLU B 68 5.24 -1.00 26.12
CA GLU B 68 5.56 0.43 26.21
C GLU B 68 7.06 0.66 26.00
N LEU B 69 7.88 -0.28 26.48
CA LEU B 69 9.33 -0.29 26.35
C LEU B 69 9.77 -0.62 24.89
N LEU B 70 9.07 -1.55 24.22
CA LEU B 70 9.31 -1.95 22.83
C LEU B 70 9.08 -0.77 21.91
N TYR B 71 7.96 -0.06 22.11
CA TYR B 71 7.54 1.12 21.37
C TYR B 71 8.54 2.27 21.55
N ALA B 72 8.97 2.54 22.80
CA ALA B 72 9.91 3.60 23.17
C ALA B 72 11.28 3.38 22.53
N GLU B 73 11.87 2.17 22.73
CA GLU B 73 13.17 1.79 22.18
C GLU B 73 13.14 1.87 20.64
N GLY B 74 12.02 1.46 20.06
CA GLY B 74 11.74 1.50 18.62
C GLY B 74 12.75 0.83 17.73
N GLN B 75 13.29 -0.34 18.15
CA GLN B 75 14.27 -1.10 17.39
C GLN B 75 13.77 -2.48 17.02
N HIS B 76 13.32 -3.28 18.01
CA HIS B 76 12.82 -4.64 17.77
C HIS B 76 11.46 -4.64 17.10
N LYS B 77 11.14 -5.74 16.42
CA LYS B 77 9.87 -6.01 15.75
C LYS B 77 9.39 -7.31 16.35
N VAL B 78 8.14 -7.34 16.81
CA VAL B 78 7.60 -8.56 17.41
C VAL B 78 6.44 -9.10 16.58
N LEU B 79 6.56 -10.36 16.14
CA LEU B 79 5.56 -11.07 15.37
C LEU B 79 5.04 -12.26 16.14
N VAL B 80 3.74 -12.21 16.48
CA VAL B 80 3.05 -13.30 17.16
C VAL B 80 2.14 -13.95 16.11
N VAL B 81 2.43 -15.21 15.75
CA VAL B 81 1.61 -15.96 14.82
C VAL B 81 0.69 -16.91 15.61
N LEU B 82 -0.63 -16.83 15.33
CA LEU B 82 -1.65 -17.68 15.94
C LEU B 82 -2.26 -18.57 14.86
N GLN B 83 -2.22 -19.89 15.11
CA GLN B 83 -2.79 -20.92 14.24
C GLN B 83 -3.54 -21.90 15.13
N ALA B 84 -4.75 -22.29 14.68
CA ALA B 84 -5.63 -23.23 15.37
C ALA B 84 -6.73 -23.67 14.42
N MET B 85 -7.42 -24.76 14.78
CA MET B 85 -8.59 -25.25 14.06
C MET B 85 -9.73 -24.23 14.32
N ASP B 86 -10.82 -24.27 13.53
CA ASP B 86 -11.95 -23.35 13.76
C ASP B 86 -12.45 -23.54 15.21
N ALA B 87 -12.58 -22.42 15.96
CA ALA B 87 -12.97 -22.34 17.37
C ALA B 87 -11.87 -22.82 18.34
N GLY B 88 -10.63 -22.88 17.84
CA GLY B 88 -9.44 -23.26 18.59
C GLY B 88 -8.94 -22.25 19.61
N GLY B 89 -9.46 -21.01 19.55
CA GLY B 89 -9.12 -19.95 20.49
C GLY B 89 -8.29 -18.77 20.02
N LYS B 90 -8.21 -18.53 18.70
CA LYS B 90 -7.44 -17.41 18.14
C LYS B 90 -7.97 -16.04 18.57
N ASP B 91 -9.28 -15.79 18.43
CA ASP B 91 -9.89 -14.51 18.81
C ASP B 91 -9.83 -14.28 20.32
N GLY B 92 -10.07 -15.34 21.10
CA GLY B 92 -10.01 -15.31 22.56
C GLY B 92 -8.64 -14.97 23.12
N THR B 93 -7.59 -15.52 22.49
CA THR B 93 -6.19 -15.26 22.86
C THR B 93 -5.86 -13.77 22.68
N ILE B 94 -6.23 -13.19 21.53
CA ILE B 94 -5.99 -11.78 21.22
C ILE B 94 -6.68 -10.91 22.27
N ARG B 95 -7.97 -11.17 22.49
CA ARG B 95 -8.83 -10.48 23.44
C ARG B 95 -8.27 -10.48 24.86
N VAL B 96 -7.95 -11.65 25.41
CA VAL B 96 -7.50 -11.81 26.79
C VAL B 96 -6.01 -11.47 26.99
N VAL B 97 -5.10 -12.06 26.19
CA VAL B 97 -3.65 -11.83 26.35
C VAL B 97 -3.26 -10.35 26.16
N PHE B 98 -3.81 -9.68 25.15
CA PHE B 98 -3.46 -8.30 24.82
C PHE B 98 -4.43 -7.27 25.41
N ASP B 99 -5.25 -7.69 26.39
CA ASP B 99 -6.20 -6.84 27.12
C ASP B 99 -5.44 -5.78 27.90
N GLY B 100 -5.72 -4.53 27.58
CA GLY B 100 -5.09 -3.39 28.23
C GLY B 100 -3.80 -2.92 27.59
N VAL B 101 -3.24 -3.73 26.67
CA VAL B 101 -2.01 -3.38 25.95
C VAL B 101 -2.35 -2.25 24.94
N ASN B 102 -1.58 -1.14 24.96
CA ASN B 102 -1.74 0.08 24.16
C ASN B 102 -1.95 -0.19 22.67
N PRO B 103 -3.07 0.30 22.08
CA PRO B 103 -3.31 0.08 20.62
C PRO B 103 -2.31 0.73 19.69
N SER B 104 -1.54 1.72 20.19
CA SER B 104 -0.54 2.47 19.42
C SER B 104 0.65 1.59 18.97
N GLY B 105 0.96 0.56 19.75
CA GLY B 105 2.04 -0.37 19.48
C GLY B 105 1.61 -1.80 19.22
N VAL B 106 0.28 -2.06 19.17
CA VAL B 106 -0.27 -3.41 18.93
C VAL B 106 -1.21 -3.40 17.73
N ARG B 107 -1.01 -4.33 16.79
CA ARG B 107 -1.81 -4.45 15.58
C ARG B 107 -2.16 -5.91 15.26
N VAL B 108 -3.41 -6.13 14.80
CA VAL B 108 -3.89 -7.46 14.40
C VAL B 108 -4.06 -7.47 12.89
N ALA B 109 -3.44 -8.47 12.22
CA ALA B 109 -3.54 -8.70 10.79
C ALA B 109 -4.18 -10.08 10.62
N SER B 110 -5.40 -10.11 10.08
CA SER B 110 -6.15 -11.35 9.82
C SER B 110 -5.93 -11.80 8.39
N PHE B 111 -5.78 -13.10 8.19
CA PHE B 111 -5.59 -13.68 6.87
C PHE B 111 -6.72 -14.67 6.55
N GLY B 112 -7.60 -14.25 5.64
CA GLY B 112 -8.74 -15.02 5.18
C GLY B 112 -8.61 -15.54 3.76
N VAL B 113 -9.75 -15.78 3.10
CA VAL B 113 -9.83 -16.30 1.73
C VAL B 113 -9.14 -15.31 0.79
N PRO B 114 -8.03 -15.73 0.12
CA PRO B 114 -7.31 -14.80 -0.77
C PRO B 114 -8.15 -14.27 -1.92
N THR B 115 -8.00 -12.95 -2.20
CA THR B 115 -8.70 -12.28 -3.30
C THR B 115 -7.97 -12.56 -4.63
N GLU B 116 -8.55 -12.14 -5.76
CA GLU B 116 -7.93 -12.33 -7.08
C GLU B 116 -6.62 -11.52 -7.16
N GLN B 117 -6.63 -10.28 -6.63
CA GLN B 117 -5.49 -9.38 -6.56
C GLN B 117 -4.36 -10.04 -5.73
N GLU B 118 -4.74 -10.78 -4.65
CA GLU B 118 -3.77 -11.48 -3.78
C GLU B 118 -3.21 -12.75 -4.39
N LEU B 119 -4.05 -13.54 -5.09
CA LEU B 119 -3.66 -14.77 -5.80
C LEU B 119 -2.82 -14.51 -7.06
N ALA B 120 -2.83 -13.27 -7.58
CA ALA B 120 -2.07 -12.86 -8.78
C ALA B 120 -0.58 -12.73 -8.50
N ARG B 121 -0.20 -12.61 -7.22
CA ARG B 121 1.18 -12.55 -6.75
C ARG B 121 1.44 -13.81 -5.93
N ASP B 122 2.69 -14.05 -5.54
CA ASP B 122 3.06 -15.18 -4.69
C ASP B 122 2.28 -15.12 -3.38
N TYR B 123 2.01 -16.27 -2.76
CA TYR B 123 1.25 -16.38 -1.51
C TYR B 123 1.86 -15.57 -0.34
N LEU B 124 3.19 -15.26 -0.39
CA LEU B 124 3.86 -14.52 0.69
C LEU B 124 3.68 -12.99 0.59
N TRP B 125 3.30 -12.49 -0.59
CA TRP B 125 3.09 -11.06 -0.89
C TRP B 125 2.13 -10.39 0.10
N ARG B 126 0.91 -10.95 0.25
CA ARG B 126 -0.09 -10.37 1.16
C ARG B 126 0.31 -10.42 2.66
N VAL B 127 1.13 -11.43 3.03
CA VAL B 127 1.59 -11.70 4.39
C VAL B 127 2.80 -10.83 4.76
N HIS B 128 3.76 -10.64 3.82
CA HIS B 128 4.96 -9.81 4.02
C HIS B 128 4.53 -8.34 4.19
N GLN B 129 3.45 -7.92 3.49
CA GLN B 129 2.86 -6.58 3.56
C GLN B 129 2.54 -6.16 5.02
N GLN B 130 2.02 -7.10 5.82
CA GLN B 130 1.57 -6.91 7.20
C GLN B 130 2.64 -7.12 8.30
N VAL B 131 3.90 -7.44 7.94
CA VAL B 131 4.96 -7.64 8.93
C VAL B 131 5.10 -6.46 9.89
N PRO B 132 5.44 -6.69 11.21
CA PRO B 132 5.60 -5.54 12.12
C PRO B 132 6.78 -4.65 11.77
N ARG B 133 6.60 -3.34 11.99
CA ARG B 133 7.64 -2.33 11.83
C ARG B 133 8.39 -2.18 13.19
N LYS B 134 9.54 -1.47 13.22
CA LYS B 134 10.34 -1.24 14.42
C LYS B 134 9.47 -0.64 15.53
N GLY B 135 9.55 -1.23 16.72
CA GLY B 135 8.78 -0.83 17.90
C GLY B 135 7.32 -1.26 17.93
N GLU B 136 6.90 -2.09 16.95
CA GLU B 136 5.54 -2.61 16.81
C GLU B 136 5.43 -4.10 17.13
N LEU B 137 4.30 -4.51 17.73
CA LEU B 137 3.94 -5.90 18.01
C LEU B 137 2.74 -6.20 17.11
N VAL B 138 2.91 -7.17 16.21
CA VAL B 138 1.85 -7.58 15.28
C VAL B 138 1.42 -9.02 15.54
N ILE B 139 0.09 -9.21 15.65
CA ILE B 139 -0.51 -10.54 15.80
C ILE B 139 -1.11 -10.95 14.45
N PHE B 140 -0.72 -12.14 13.96
CA PHE B 140 -1.25 -12.73 12.74
C PHE B 140 -2.33 -13.73 13.17
N ASN B 141 -3.61 -13.39 12.88
CA ASN B 141 -4.75 -14.26 13.15
C ASN B 141 -4.89 -15.04 11.85
N ARG B 142 -4.27 -16.24 11.82
CA ARG B 142 -4.03 -17.09 10.68
C ARG B 142 -2.85 -16.41 9.98
N SER B 143 -2.13 -17.11 9.10
CA SER B 143 -0.94 -16.52 8.50
C SER B 143 -0.61 -17.17 7.19
N HIS B 144 0.67 -17.08 6.78
CA HIS B 144 1.27 -17.68 5.59
C HIS B 144 1.20 -19.20 5.69
N TYR B 145 1.05 -19.74 6.93
CA TYR B 145 0.91 -21.16 7.21
C TYR B 145 -0.32 -21.77 6.59
N GLU B 146 -1.37 -20.95 6.38
CA GLU B 146 -2.60 -21.39 5.73
C GLU B 146 -2.31 -21.93 4.32
N ASP B 147 -1.17 -21.50 3.71
CA ASP B 147 -0.74 -21.90 2.37
C ASP B 147 -0.02 -23.28 2.34
N VAL B 148 -0.05 -23.98 3.50
CA VAL B 148 0.45 -25.35 3.69
C VAL B 148 -0.54 -26.11 4.58
N LEU B 149 -1.66 -25.45 4.93
CA LEU B 149 -2.74 -26.02 5.73
C LEU B 149 -3.99 -26.28 4.87
N VAL B 150 -4.89 -25.29 4.70
CA VAL B 150 -6.12 -25.37 3.89
C VAL B 150 -5.78 -25.62 2.40
N VAL B 151 -4.62 -25.09 1.96
CA VAL B 151 -4.15 -25.26 0.58
C VAL B 151 -3.72 -26.74 0.36
N ARG B 152 -3.07 -27.37 1.36
CA ARG B 152 -2.65 -28.77 1.34
C ARG B 152 -3.86 -29.72 1.38
N VAL B 153 -4.75 -29.52 2.38
CA VAL B 153 -5.93 -30.33 2.67
C VAL B 153 -6.95 -30.35 1.50
N LYS B 154 -7.30 -29.18 0.94
CA LYS B 154 -8.27 -29.04 -0.15
C LYS B 154 -7.64 -29.07 -1.56
N ASN B 155 -6.30 -29.27 -1.62
CA ASN B 155 -5.50 -29.34 -2.87
C ASN B 155 -5.81 -28.17 -3.80
N LEU B 156 -5.63 -26.94 -3.28
CA LEU B 156 -5.87 -25.70 -4.02
C LEU B 156 -4.75 -25.42 -5.02
N VAL B 157 -3.60 -26.06 -4.78
CA VAL B 157 -2.38 -26.11 -5.61
C VAL B 157 -1.90 -27.58 -5.51
N PRO B 158 -1.17 -28.15 -6.50
CA PRO B 158 -0.74 -29.55 -6.36
C PRO B 158 0.34 -29.74 -5.30
N GLN B 159 0.51 -30.98 -4.82
CA GLN B 159 1.53 -31.39 -3.83
C GLN B 159 2.93 -30.88 -4.23
N GLN B 160 3.27 -30.94 -5.54
CA GLN B 160 4.55 -30.47 -6.10
C GLN B 160 4.82 -29.00 -5.85
N VAL B 161 3.77 -28.19 -5.71
CA VAL B 161 3.86 -26.76 -5.44
C VAL B 161 3.93 -26.43 -3.92
N TRP B 162 2.96 -26.91 -3.10
CA TRP B 162 2.92 -26.62 -1.66
C TRP B 162 4.03 -27.31 -0.84
N GLN B 163 4.65 -28.39 -1.35
CA GLN B 163 5.72 -29.06 -0.62
C GLN B 163 7.00 -28.19 -0.57
N LYS B 164 7.24 -27.40 -1.64
CA LYS B 164 8.37 -26.47 -1.74
C LYS B 164 8.22 -25.27 -0.78
N ARG B 165 6.97 -25.01 -0.33
CA ARG B 165 6.60 -23.88 0.54
C ARG B 165 7.13 -23.96 1.97
N TYR B 166 7.53 -25.16 2.47
CA TYR B 166 8.10 -25.29 3.83
C TYR B 166 9.46 -24.58 3.87
N ARG B 167 10.27 -24.77 2.79
CA ARG B 167 11.57 -24.14 2.63
C ARG B 167 11.40 -22.64 2.49
N HIS B 168 10.41 -22.17 1.68
CA HIS B 168 10.09 -20.75 1.49
C HIS B 168 9.83 -20.09 2.83
N ILE B 169 8.93 -20.69 3.66
CA ILE B 169 8.56 -20.17 4.99
C ILE B 169 9.78 -20.08 5.93
N ARG B 170 10.57 -21.18 6.06
CA ARG B 170 11.79 -21.22 6.88
C ARG B 170 12.75 -20.07 6.51
N GLU B 171 12.91 -19.84 5.22
CA GLU B 171 13.81 -18.83 4.68
C GLU B 171 13.27 -17.39 4.75
N PHE B 172 11.94 -17.23 4.69
CA PHE B 172 11.27 -15.95 4.81
C PHE B 172 11.41 -15.52 6.28
N GLU B 173 11.15 -16.48 7.20
CA GLU B 173 11.26 -16.28 8.64
C GLU B 173 12.72 -16.07 9.09
N ARG B 174 13.70 -16.67 8.37
CA ARG B 174 15.12 -16.48 8.70
C ARG B 174 15.50 -15.03 8.39
N MET B 175 15.12 -14.55 7.21
CA MET B 175 15.34 -13.18 6.72
C MET B 175 14.74 -12.18 7.73
N LEU B 176 13.47 -12.40 8.15
CA LEU B 176 12.77 -11.54 9.11
C LEU B 176 13.52 -11.48 10.43
N ALA B 177 13.92 -12.67 10.96
CA ALA B 177 14.65 -12.79 12.23
C ALA B 177 16.04 -12.17 12.16
N ASP B 178 16.76 -12.38 11.05
CA ASP B 178 18.10 -11.81 10.85
C ASP B 178 18.02 -10.28 10.81
N GLU B 179 16.91 -9.75 10.27
CA GLU B 179 16.67 -8.32 10.11
C GLU B 179 16.00 -7.65 11.33
N GLY B 180 15.90 -8.39 12.44
CA GLY B 180 15.42 -7.85 13.71
C GLY B 180 14.02 -8.18 14.18
N THR B 181 13.39 -9.24 13.65
CA THR B 181 12.06 -9.65 14.08
C THR B 181 12.15 -10.82 15.06
N THR B 182 11.46 -10.73 16.20
CA THR B 182 11.32 -11.79 17.18
C THR B 182 9.99 -12.50 16.81
N ILE B 183 10.11 -13.76 16.37
CA ILE B 183 8.98 -14.56 15.88
C ILE B 183 8.53 -15.61 16.89
N LEU B 184 7.29 -15.48 17.38
CA LEU B 184 6.66 -16.44 18.28
C LEU B 184 5.49 -17.06 17.53
N LYS B 185 5.55 -18.38 17.33
CA LYS B 185 4.50 -19.10 16.62
C LYS B 185 3.77 -20.03 17.56
N PHE B 186 2.47 -19.77 17.77
CA PHE B 186 1.64 -20.54 18.69
C PHE B 186 0.58 -21.35 17.99
N PHE B 187 0.60 -22.68 18.23
CA PHE B 187 -0.44 -23.57 17.74
C PHE B 187 -1.34 -23.87 18.92
N LEU B 188 -2.55 -23.31 18.88
CA LEU B 188 -3.56 -23.50 19.92
C LEU B 188 -4.22 -24.84 19.64
N HIS B 189 -3.81 -25.86 20.41
CA HIS B 189 -4.18 -27.26 20.25
C HIS B 189 -5.42 -27.69 21.05
N ILE B 190 -6.55 -27.94 20.34
CA ILE B 190 -7.81 -28.43 20.92
C ILE B 190 -8.18 -29.82 20.36
N SER B 191 -8.98 -30.57 21.10
CA SER B 191 -9.44 -31.91 20.73
C SER B 191 -10.67 -31.82 19.82
N LYS B 192 -10.96 -32.90 19.08
CA LYS B 192 -12.10 -33.01 18.17
C LYS B 192 -13.43 -32.78 18.94
N ASP B 193 -13.54 -33.36 20.17
CA ASP B 193 -14.70 -33.19 21.04
C ASP B 193 -14.87 -31.78 21.57
N GLU B 194 -13.76 -31.07 21.84
CA GLU B 194 -13.79 -29.68 22.30
C GLU B 194 -14.29 -28.76 21.20
N GLN B 195 -13.89 -29.02 19.95
CA GLN B 195 -14.36 -28.25 18.80
C GLN B 195 -15.87 -28.43 18.62
N ARG B 196 -16.39 -29.65 18.84
CA ARG B 196 -17.83 -29.95 18.74
C ARG B 196 -18.64 -29.11 19.73
N GLN B 197 -18.19 -29.05 20.99
CA GLN B 197 -18.80 -28.30 22.08
C GLN B 197 -18.82 -26.81 21.77
N ARG B 198 -17.66 -26.27 21.36
CA ARG B 198 -17.45 -24.87 21.02
C ARG B 198 -18.24 -24.42 19.79
N LEU B 199 -18.32 -25.27 18.75
CA LEU B 199 -19.07 -24.96 17.53
C LEU B 199 -20.55 -24.90 17.82
N GLN B 200 -21.02 -25.81 18.71
CA GLN B 200 -22.41 -25.87 19.15
C GLN B 200 -22.74 -24.64 20.00
N GLU B 201 -21.84 -24.29 20.95
CA GLU B 201 -21.97 -23.14 21.83
C GLU B 201 -22.00 -21.83 21.03
N ARG B 202 -21.23 -21.77 19.92
CA ARG B 202 -21.15 -20.64 18.99
C ARG B 202 -22.51 -20.47 18.30
N LEU B 203 -23.10 -21.59 17.83
CA LEU B 203 -24.39 -21.66 17.15
C LEU B 203 -25.55 -21.28 18.06
N ASP B 204 -25.49 -21.67 19.36
CA ASP B 204 -26.55 -21.41 20.35
C ASP B 204 -26.44 -20.01 21.01
N ASN B 205 -25.29 -19.33 20.85
CA ASN B 205 -25.06 -17.99 21.38
C ASN B 205 -25.47 -16.96 20.31
N PRO B 206 -26.46 -16.07 20.60
CA PRO B 206 -26.89 -15.08 19.58
C PRO B 206 -25.83 -14.03 19.23
N GLU B 207 -24.95 -13.72 20.20
CA GLU B 207 -23.86 -12.75 20.04
C GLU B 207 -22.62 -13.36 19.37
N LYS B 208 -22.62 -14.69 19.14
CA LYS B 208 -21.49 -15.39 18.54
C LYS B 208 -21.83 -16.20 17.26
N ARG B 209 -23.13 -16.40 16.93
CA ARG B 209 -23.55 -17.17 15.74
C ARG B 209 -23.11 -16.52 14.40
N TRP B 210 -22.81 -15.20 14.40
CA TRP B 210 -22.30 -14.49 13.22
C TRP B 210 -20.93 -15.05 12.75
N LYS B 211 -20.15 -15.61 13.69
CA LYS B 211 -18.83 -16.22 13.44
C LYS B 211 -18.95 -17.54 12.67
N PHE B 212 -20.00 -18.33 13.00
CA PHE B 212 -20.25 -19.63 12.41
C PHE B 212 -20.60 -19.55 10.93
N ARG B 213 -19.66 -20.02 10.08
CA ARG B 213 -19.79 -20.12 8.63
C ARG B 213 -20.14 -21.57 8.32
N MET B 214 -20.89 -21.82 7.24
CA MET B 214 -21.32 -23.18 6.91
C MET B 214 -20.16 -24.12 6.63
N GLY B 215 -19.08 -23.58 6.05
CA GLY B 215 -17.85 -24.29 5.74
C GLY B 215 -17.11 -24.88 6.93
N ASP B 216 -17.35 -24.34 8.15
CA ASP B 216 -16.76 -24.80 9.43
C ASP B 216 -17.00 -26.29 9.65
N LEU B 217 -18.19 -26.77 9.21
CA LEU B 217 -18.63 -28.18 9.28
C LEU B 217 -17.85 -29.06 8.29
N GLU B 218 -17.49 -28.52 7.11
CA GLU B 218 -16.70 -29.23 6.09
C GLU B 218 -15.24 -29.37 6.55
N ASP B 219 -14.73 -28.37 7.28
CA ASP B 219 -13.39 -28.38 7.84
C ASP B 219 -13.32 -29.37 9.01
N ARG B 220 -14.44 -29.54 9.74
CA ARG B 220 -14.59 -30.50 10.84
C ARG B 220 -14.53 -31.94 10.31
N ARG B 221 -15.18 -32.21 9.15
CA ARG B 221 -15.19 -33.52 8.47
C ARG B 221 -13.75 -33.95 8.11
N LEU B 222 -12.90 -32.97 7.74
CA LEU B 222 -11.49 -33.11 7.36
C LEU B 222 -10.52 -32.96 8.57
N TRP B 223 -11.02 -33.06 9.82
CA TRP B 223 -10.25 -32.93 11.07
C TRP B 223 -8.88 -33.61 11.03
N ASP B 224 -8.85 -34.91 10.67
CA ASP B 224 -7.64 -35.73 10.61
C ASP B 224 -6.60 -35.23 9.63
N ARG B 225 -7.04 -34.78 8.43
CA ARG B 225 -6.18 -34.23 7.38
C ARG B 225 -5.53 -32.94 7.85
N TYR B 226 -6.31 -32.12 8.59
CA TYR B 226 -5.84 -30.88 9.17
C TYR B 226 -4.82 -31.11 10.29
N GLN B 227 -4.99 -32.19 11.07
CA GLN B 227 -4.05 -32.55 12.13
C GLN B 227 -2.73 -33.01 11.49
N GLU B 228 -2.83 -33.78 10.39
CA GLU B 228 -1.69 -34.25 9.59
C GLU B 228 -0.93 -33.05 8.99
N ALA B 229 -1.68 -32.00 8.54
CA ALA B 229 -1.16 -30.76 7.94
C ALA B 229 -0.43 -29.90 8.98
N TYR B 230 -0.97 -29.82 10.21
CA TYR B 230 -0.36 -29.07 11.30
C TYR B 230 0.93 -29.75 11.75
N GLU B 231 0.90 -31.10 11.95
CA GLU B 231 2.08 -31.88 12.33
C GLU B 231 3.20 -31.66 11.32
N ALA B 232 2.90 -31.79 10.01
CA ALA B 232 3.86 -31.57 8.93
C ALA B 232 4.45 -30.16 8.95
N ALA B 233 3.59 -29.12 9.08
CA ALA B 233 3.98 -27.71 9.12
C ALA B 233 4.91 -27.40 10.28
N ILE B 234 4.54 -27.80 11.51
CA ILE B 234 5.31 -27.59 12.73
C ILE B 234 6.66 -28.32 12.65
N ARG B 235 6.65 -29.60 12.27
CA ARG B 235 7.87 -30.41 12.12
C ARG B 235 8.85 -29.74 11.14
N GLU B 236 8.32 -29.21 10.02
CA GLU B 236 9.11 -28.57 8.97
C GLU B 236 9.58 -27.15 9.27
N THR B 237 8.79 -26.36 10.02
CA THR B 237 9.13 -24.95 10.21
C THR B 237 9.53 -24.51 11.63
N SER B 238 9.54 -25.42 12.62
CA SER B 238 9.98 -25.02 13.96
C SER B 238 11.50 -24.93 13.97
N THR B 239 12.01 -23.70 14.07
CA THR B 239 13.44 -23.40 14.02
C THR B 239 13.93 -22.68 15.28
N GLU B 240 15.26 -22.49 15.38
CA GLU B 240 15.91 -21.79 16.49
C GLU B 240 15.51 -20.32 16.43
N TYR B 241 15.39 -19.74 15.21
CA TYR B 241 15.03 -18.33 14.97
C TYR B 241 13.53 -18.08 15.02
N ALA B 242 12.71 -19.05 14.61
CA ALA B 242 11.26 -18.94 14.62
C ALA B 242 10.67 -20.22 15.23
N PRO B 243 10.62 -20.34 16.58
CA PRO B 243 10.09 -21.58 17.18
C PRO B 243 8.58 -21.70 17.18
N TRP B 244 8.10 -22.95 17.16
CA TRP B 244 6.69 -23.27 17.30
C TRP B 244 6.47 -23.70 18.74
N TYR B 245 5.33 -23.31 19.30
CA TYR B 245 4.90 -23.70 20.65
C TYR B 245 3.53 -24.34 20.51
N VAL B 246 3.38 -25.56 21.05
CA VAL B 246 2.10 -26.26 21.04
C VAL B 246 1.43 -25.92 22.36
N ILE B 247 0.33 -25.17 22.31
CA ILE B 247 -0.40 -24.71 23.50
C ILE B 247 -1.64 -25.58 23.71
N PRO B 248 -1.71 -26.40 24.80
CA PRO B 248 -2.95 -27.15 25.07
C PRO B 248 -4.06 -26.11 25.31
N ALA B 249 -4.98 -25.98 24.35
CA ALA B 249 -6.00 -24.94 24.34
C ALA B 249 -7.42 -25.39 24.68
N ASN B 250 -7.59 -26.62 25.21
CA ASN B 250 -8.90 -27.12 25.64
C ASN B 250 -9.48 -26.33 26.81
N LYS B 251 -8.61 -25.90 27.75
CA LYS B 251 -8.97 -25.07 28.89
C LYS B 251 -8.41 -23.68 28.60
N ASN B 252 -9.31 -22.70 28.32
CA ASN B 252 -8.99 -21.30 27.99
C ASN B 252 -8.10 -20.62 29.02
N TRP B 253 -8.33 -20.87 30.32
CA TRP B 253 -7.55 -20.29 31.42
C TRP B 253 -6.07 -20.65 31.31
N TYR B 254 -5.79 -21.90 30.94
CA TYR B 254 -4.43 -22.42 30.80
C TYR B 254 -3.80 -21.86 29.53
N ARG B 255 -4.57 -21.85 28.43
CA ARG B 255 -4.17 -21.33 27.14
C ARG B 255 -3.72 -19.85 27.27
N ASN B 256 -4.56 -19.02 27.90
CA ASN B 256 -4.29 -17.59 28.13
C ASN B 256 -3.05 -17.35 29.03
N TRP B 257 -2.90 -18.15 30.10
CA TRP B 257 -1.74 -18.06 30.98
C TRP B 257 -0.41 -18.46 30.28
N LEU B 258 -0.40 -19.62 29.57
CA LEU B 258 0.77 -20.17 28.90
C LEU B 258 1.29 -19.29 27.75
N VAL B 259 0.39 -18.76 26.91
CA VAL B 259 0.75 -17.87 25.82
C VAL B 259 1.36 -16.58 26.42
N SER B 260 0.72 -16.02 27.47
CA SER B 260 1.18 -14.81 28.16
C SER B 260 2.55 -15.02 28.77
N HIS B 261 2.76 -16.19 29.44
CA HIS B 261 4.04 -16.54 30.05
C HIS B 261 5.16 -16.61 29.01
N ILE B 262 4.95 -17.37 27.92
CA ILE B 262 5.92 -17.52 26.84
C ILE B 262 6.25 -16.16 26.19
N LEU B 263 5.23 -15.33 25.89
CA LEU B 263 5.40 -13.99 25.32
C LEU B 263 6.18 -13.04 26.24
N VAL B 264 5.84 -13.02 27.54
CA VAL B 264 6.50 -12.16 28.54
C VAL B 264 7.98 -12.59 28.70
N GLU B 265 8.25 -13.90 28.84
CA GLU B 265 9.60 -14.44 28.96
C GLU B 265 10.48 -14.05 27.77
N THR B 266 9.93 -14.12 26.54
CA THR B 266 10.60 -13.75 25.30
C THR B 266 10.95 -12.26 25.28
N LEU B 267 9.95 -11.39 25.53
CA LEU B 267 10.14 -9.94 25.59
C LEU B 267 11.11 -9.49 26.70
N GLU B 268 11.11 -10.19 27.86
CA GLU B 268 12.04 -9.92 28.97
C GLU B 268 13.47 -10.26 28.53
N GLY B 269 13.57 -11.31 27.69
CA GLY B 269 14.82 -11.80 27.13
C GLY B 269 15.46 -10.86 26.12
N LEU B 270 14.69 -9.90 25.55
CA LEU B 270 15.22 -8.94 24.58
C LEU B 270 16.05 -7.85 25.25
N ALA B 271 15.95 -7.74 26.61
CA ALA B 271 16.62 -6.77 27.48
C ALA B 271 16.54 -5.34 26.89
N MET B 272 15.33 -4.94 26.49
CA MET B 272 15.03 -3.65 25.90
C MET B 272 15.31 -2.51 26.86
N GLN B 273 15.83 -1.39 26.33
CA GLN B 273 16.21 -0.23 27.13
C GLN B 273 15.56 1.04 26.62
N TYR B 274 15.16 1.94 27.54
CA TYR B 274 14.59 3.24 27.21
C TYR B 274 15.71 4.12 26.61
N PRO B 275 15.50 4.74 25.42
CA PRO B 275 16.56 5.59 24.84
C PRO B 275 16.93 6.75 25.77
N GLN B 276 18.22 7.12 25.80
CA GLN B 276 18.63 8.23 26.66
C GLN B 276 19.21 9.36 25.80
N PRO B 277 18.34 10.29 25.30
CA PRO B 277 18.83 11.37 24.42
C PRO B 277 19.73 12.40 25.12
N GLU B 278 20.50 13.17 24.31
CA GLU B 278 21.46 14.20 24.68
C GLU B 278 20.93 15.17 25.77
N MET C 21 -22.93 15.44 26.30
CA MET C 21 -22.73 16.87 26.46
C MET C 21 -22.60 17.56 25.10
N LYS C 22 -23.43 18.59 24.87
CA LYS C 22 -23.47 19.37 23.63
C LYS C 22 -22.74 20.72 23.77
N LYS C 23 -22.36 21.07 25.02
CA LYS C 23 -21.66 22.30 25.39
C LYS C 23 -20.25 22.43 24.79
N TYR C 24 -19.60 21.28 24.50
CA TYR C 24 -18.22 21.17 23.96
C TYR C 24 -18.13 20.99 22.43
N ARG C 25 -19.28 20.76 21.76
CA ARG C 25 -19.40 20.60 20.30
C ARG C 25 -19.37 21.98 19.64
N VAL C 26 -18.43 22.19 18.71
CA VAL C 26 -18.27 23.46 18.01
C VAL C 26 -19.31 23.55 16.90
N GLN C 27 -20.26 24.51 17.04
CA GLN C 27 -21.32 24.76 16.07
C GLN C 27 -20.79 25.16 14.68
N PRO C 28 -21.40 24.67 13.57
CA PRO C 28 -20.90 25.05 12.24
C PRO C 28 -21.36 26.45 11.80
N ASP C 29 -21.10 27.47 12.64
CA ASP C 29 -21.47 28.86 12.38
C ASP C 29 -20.30 29.76 11.95
N GLY C 30 -19.07 29.26 12.10
CA GLY C 30 -17.84 29.98 11.79
C GLY C 30 -17.59 31.17 12.70
N ARG C 31 -18.12 31.09 13.94
CA ARG C 31 -18.00 32.14 14.96
C ARG C 31 -17.21 31.65 16.18
N PHE C 32 -16.50 30.50 16.04
CA PHE C 32 -15.70 29.88 17.07
C PHE C 32 -14.53 30.74 17.56
N GLU C 33 -14.41 30.87 18.89
CA GLU C 33 -13.33 31.61 19.57
C GLU C 33 -12.77 30.71 20.66
N LEU C 34 -11.48 30.33 20.54
CA LEU C 34 -10.79 29.44 21.48
C LEU C 34 -10.65 30.04 22.90
N LYS C 35 -10.66 31.40 23.02
CA LYS C 35 -10.61 32.09 24.31
C LYS C 35 -11.83 31.81 25.21
N ARG C 36 -12.97 31.42 24.58
CA ARG C 36 -14.23 31.06 25.24
C ARG C 36 -14.14 29.67 25.90
N PHE C 37 -12.99 28.99 25.74
CA PHE C 37 -12.73 27.66 26.27
C PHE C 37 -11.58 27.68 27.26
N ASP C 38 -11.85 27.27 28.51
CA ASP C 38 -10.87 27.21 29.59
C ASP C 38 -10.32 25.78 29.68
N PRO C 39 -8.98 25.58 29.55
CA PRO C 39 -8.42 24.22 29.68
C PRO C 39 -8.66 23.58 31.05
N ASP C 40 -8.87 24.40 32.09
CA ASP C 40 -9.11 23.93 33.46
C ASP C 40 -10.60 23.70 33.80
N ASP C 41 -11.49 23.85 32.80
CA ASP C 41 -12.94 23.66 32.92
C ASP C 41 -13.29 22.19 33.14
N THR C 42 -14.18 21.93 34.10
CA THR C 42 -14.64 20.59 34.51
C THR C 42 -16.15 20.59 34.80
N SER C 43 -16.88 21.60 34.30
CA SER C 43 -18.32 21.83 34.53
C SER C 43 -19.28 20.70 34.11
N ALA C 44 -18.90 19.83 33.14
CA ALA C 44 -19.76 18.71 32.72
C ALA C 44 -19.76 17.53 33.71
N PHE C 45 -18.80 17.50 34.65
CA PHE C 45 -18.72 16.46 35.68
C PHE C 45 -18.79 17.07 37.10
N GLU C 46 -19.77 16.65 37.94
CA GLU C 46 -19.90 17.26 39.26
C GLU C 46 -19.14 16.58 40.44
N GLY C 47 -18.74 15.32 40.25
CA GLY C 47 -18.09 14.52 41.30
C GLY C 47 -16.64 14.73 41.68
N GLY C 48 -15.77 15.02 40.72
CA GLY C 48 -14.33 15.16 40.98
C GLY C 48 -13.56 13.95 40.52
N LYS C 49 -12.20 13.96 40.67
CA LYS C 49 -11.28 12.90 40.21
C LYS C 49 -11.70 11.47 40.58
N GLN C 50 -11.91 11.18 41.87
CA GLN C 50 -12.30 9.84 42.34
C GLN C 50 -13.61 9.34 41.75
N ALA C 51 -14.62 10.23 41.66
CA ALA C 51 -15.92 9.89 41.10
C ALA C 51 -15.83 9.69 39.59
N ALA C 52 -14.96 10.47 38.91
CA ALA C 52 -14.73 10.41 37.45
C ALA C 52 -14.06 9.14 37.01
N LEU C 53 -13.14 8.58 37.84
CA LEU C 53 -12.44 7.34 37.54
C LEU C 53 -13.44 6.17 37.51
N GLU C 54 -14.41 6.19 38.45
CA GLU C 54 -15.47 5.18 38.58
C GLU C 54 -16.38 5.26 37.35
N ALA C 55 -16.79 6.49 36.98
CA ALA C 55 -17.66 6.80 35.83
C ALA C 55 -16.97 6.39 34.51
N LEU C 56 -15.65 6.61 34.41
CA LEU C 56 -14.83 6.25 33.26
C LEU C 56 -14.76 4.72 33.09
N ALA C 57 -14.64 3.98 34.21
CA ALA C 57 -14.58 2.52 34.20
C ALA C 57 -15.87 1.91 33.61
N VAL C 58 -17.02 2.55 33.93
CA VAL C 58 -18.36 2.17 33.43
C VAL C 58 -18.43 2.42 31.91
N LEU C 59 -17.97 3.61 31.46
CA LEU C 59 -17.96 4.00 30.05
C LEU C 59 -17.00 3.13 29.23
N ASN C 60 -15.84 2.75 29.82
CA ASN C 60 -14.84 1.89 29.18
C ASN C 60 -15.39 0.48 28.93
N ARG C 61 -16.16 -0.05 29.89
CA ARG C 61 -16.79 -1.36 29.78
C ARG C 61 -17.82 -1.34 28.62
N ARG C 62 -18.61 -0.26 28.54
CA ARG C 62 -19.59 -0.02 27.48
C ARG C 62 -18.87 0.11 26.12
N LEU C 63 -17.73 0.85 26.09
CA LEU C 63 -16.93 1.02 24.87
C LEU C 63 -16.41 -0.32 24.35
N GLU C 64 -15.92 -1.20 25.25
CA GLU C 64 -15.44 -2.55 24.90
C GLU C 64 -16.54 -3.35 24.21
N LYS C 65 -17.76 -3.34 24.78
CA LYS C 65 -18.93 -4.03 24.24
C LYS C 65 -19.38 -3.44 22.90
N LEU C 66 -19.39 -2.10 22.79
CA LEU C 66 -19.81 -1.43 21.57
C LEU C 66 -18.87 -1.64 20.40
N GLN C 67 -17.54 -1.81 20.66
CA GLN C 67 -16.52 -2.10 19.64
C GLN C 67 -16.69 -3.55 19.15
N GLU C 68 -16.97 -4.51 20.06
CA GLU C 68 -17.17 -5.91 19.70
C GLU C 68 -18.37 -6.03 18.76
N LEU C 69 -19.39 -5.18 18.98
CA LEU C 69 -20.61 -5.10 18.20
C LEU C 69 -20.35 -4.44 16.82
N LEU C 70 -19.48 -3.40 16.77
CA LEU C 70 -19.08 -2.68 15.54
C LEU C 70 -18.40 -3.65 14.59
N TYR C 71 -17.45 -4.42 15.13
CA TYR C 71 -16.66 -5.43 14.43
C TYR C 71 -17.53 -6.55 13.87
N ALA C 72 -18.46 -7.07 14.70
CA ALA C 72 -19.38 -8.16 14.35
C ALA C 72 -20.33 -7.75 13.23
N GLU C 73 -21.03 -6.61 13.39
CA GLU C 73 -21.97 -6.06 12.40
C GLU C 73 -21.23 -5.79 11.07
N GLY C 74 -20.02 -5.27 11.17
CA GLY C 74 -19.13 -4.99 10.03
C GLY C 74 -19.69 -4.08 8.96
N GLN C 75 -20.42 -3.01 9.37
CA GLN C 75 -20.99 -2.06 8.41
C GLN C 75 -20.46 -0.63 8.60
N HIS C 76 -20.52 -0.09 9.83
CA HIS C 76 -20.06 1.28 10.13
C HIS C 76 -18.55 1.39 10.16
N LYS C 77 -18.04 2.62 9.91
CA LYS C 77 -16.63 2.96 9.94
C LYS C 77 -16.50 4.08 10.96
N VAL C 78 -15.61 3.91 11.95
CA VAL C 78 -15.46 4.94 12.99
C VAL C 78 -14.07 5.56 12.93
N LEU C 79 -14.03 6.90 12.76
CA LEU C 79 -12.82 7.69 12.71
C LEU C 79 -12.75 8.67 13.88
N VAL C 80 -11.77 8.44 14.76
CA VAL C 80 -11.51 9.32 15.90
C VAL C 80 -10.22 10.11 15.58
N VAL C 81 -10.36 11.43 15.38
CA VAL C 81 -9.21 12.30 15.11
C VAL C 81 -8.79 12.99 16.42
N LEU C 82 -7.50 12.86 16.77
CA LEU C 82 -6.91 13.51 17.94
C LEU C 82 -5.89 14.55 17.49
N GLN C 83 -6.08 15.79 17.95
CA GLN C 83 -5.21 16.94 17.68
C GLN C 83 -5.00 17.66 18.99
N ALA C 84 -3.75 18.03 19.27
CA ALA C 84 -3.32 18.75 20.47
C ALA C 84 -1.91 19.27 20.25
N MET C 85 -1.48 20.21 21.10
CA MET C 85 -0.10 20.72 21.10
C MET C 85 0.78 19.58 21.65
N ASP C 86 2.13 19.65 21.48
CA ASP C 86 2.99 18.59 22.03
C ASP C 86 2.76 18.50 23.55
N ALA C 87 2.53 17.26 24.05
CA ALA C 87 2.22 16.91 25.45
C ALA C 87 0.77 17.29 25.86
N GLY C 88 -0.07 17.56 24.86
CA GLY C 88 -1.49 17.88 25.02
C GLY C 88 -2.38 16.74 25.46
N GLY C 89 -1.86 15.51 25.38
CA GLY C 89 -2.56 14.29 25.82
C GLY C 89 -3.03 13.31 24.77
N LYS C 90 -2.47 13.35 23.55
CA LYS C 90 -2.86 12.42 22.47
C LYS C 90 -2.55 10.95 22.80
N ASP C 91 -1.30 10.67 23.24
CA ASP C 91 -0.88 9.30 23.59
C ASP C 91 -1.64 8.76 24.82
N GLY C 92 -1.84 9.63 25.82
CA GLY C 92 -2.56 9.33 27.05
C GLY C 92 -4.02 8.98 26.81
N THR C 93 -4.69 9.70 25.88
CA THR C 93 -6.09 9.46 25.52
C THR C 93 -6.23 8.06 24.90
N ILE C 94 -5.34 7.69 23.95
CA ILE C 94 -5.36 6.38 23.30
C ILE C 94 -5.20 5.29 24.36
N ARG C 95 -4.18 5.43 25.21
CA ARG C 95 -3.83 4.53 26.29
C ARG C 95 -4.99 4.28 27.26
N VAL C 96 -5.58 5.35 27.81
CA VAL C 96 -6.65 5.27 28.81
C VAL C 96 -8.05 4.99 28.21
N VAL C 97 -8.49 5.76 27.19
CA VAL C 97 -9.84 5.59 26.62
C VAL C 97 -10.03 4.20 25.99
N PHE C 98 -9.02 3.71 25.24
CA PHE C 98 -9.11 2.44 24.53
C PHE C 98 -8.49 1.27 25.30
N ASP C 99 -8.27 1.45 26.60
CA ASP C 99 -7.72 0.43 27.51
C ASP C 99 -8.69 -0.74 27.60
N GLY C 100 -8.22 -1.91 27.21
CA GLY C 100 -9.00 -3.15 27.22
C GLY C 100 -9.81 -3.40 25.97
N VAL C 101 -9.93 -2.40 25.10
CA VAL C 101 -10.66 -2.53 23.82
C VAL C 101 -9.81 -3.42 22.88
N ASN C 102 -10.45 -4.49 22.32
CA ASN C 102 -9.86 -5.49 21.42
C ASN C 102 -9.01 -4.90 20.26
N PRO C 103 -7.71 -5.30 20.17
CA PRO C 103 -6.85 -4.78 19.08
C PRO C 103 -7.27 -5.19 17.67
N SER C 104 -8.12 -6.23 17.55
CA SER C 104 -8.60 -6.74 16.27
C SER C 104 -9.47 -5.74 15.50
N GLY C 105 -10.18 -4.88 16.24
CA GLY C 105 -11.05 -3.86 15.65
C GLY C 105 -10.65 -2.43 15.92
N VAL C 106 -9.49 -2.23 16.56
CA VAL C 106 -8.97 -0.90 16.90
C VAL C 106 -7.57 -0.73 16.28
N ARG C 107 -7.38 0.37 15.53
CA ARG C 107 -6.13 0.68 14.87
C ARG C 107 -5.73 2.13 15.09
N VAL C 108 -4.44 2.36 15.32
CA VAL C 108 -3.88 3.71 15.49
C VAL C 108 -3.03 4.01 14.26
N ALA C 109 -3.32 5.14 13.61
CA ALA C 109 -2.58 5.65 12.47
C ALA C 109 -1.98 6.99 12.90
N SER C 110 -0.66 7.01 13.02
CA SER C 110 0.11 8.20 13.41
C SER C 110 0.56 8.94 12.16
N PHE C 111 0.50 10.27 12.21
CA PHE C 111 0.93 11.10 11.11
C PHE C 111 2.06 12.01 11.56
N GLY C 112 3.27 11.68 11.08
CA GLY C 112 4.49 12.38 11.40
C GLY C 112 5.07 13.15 10.23
N VAL C 113 6.37 13.46 10.29
CA VAL C 113 7.07 14.20 9.25
C VAL C 113 6.91 13.47 7.90
N PRO C 114 6.25 14.10 6.90
CA PRO C 114 6.04 13.42 5.61
C PRO C 114 7.32 13.00 4.91
N THR C 115 7.31 11.78 4.34
CA THR C 115 8.43 11.21 3.57
C THR C 115 8.41 11.80 2.16
N GLU C 116 9.48 11.53 1.37
CA GLU C 116 9.57 12.01 0.00
C GLU C 116 8.44 11.40 -0.87
N GLN C 117 8.12 10.10 -0.63
CA GLN C 117 7.05 9.36 -1.32
C GLN C 117 5.69 9.94 -0.97
N GLU C 118 5.54 10.43 0.27
CA GLU C 118 4.32 11.07 0.73
C GLU C 118 4.14 12.49 0.13
N LEU C 119 5.22 13.30 0.12
CA LEU C 119 5.24 14.66 -0.41
C LEU C 119 5.09 14.72 -1.95
N ALA C 120 5.34 13.59 -2.65
CA ALA C 120 5.25 13.47 -4.10
C ALA C 120 3.78 13.44 -4.59
N ARG C 121 2.85 13.14 -3.68
CA ARG C 121 1.42 13.15 -3.96
C ARG C 121 0.80 14.25 -3.11
N ASP C 122 -0.50 14.53 -3.30
CA ASP C 122 -1.24 15.51 -2.51
C ASP C 122 -1.19 15.11 -1.03
N TYR C 123 -1.27 16.11 -0.13
CA TYR C 123 -1.20 15.90 1.31
C TYR C 123 -2.29 14.94 1.87
N LEU C 124 -3.43 14.77 1.16
CA LEU C 124 -4.52 13.90 1.59
C LEU C 124 -4.30 12.43 1.26
N TRP C 125 -3.42 12.13 0.28
CA TRP C 125 -3.07 10.78 -0.17
C TRP C 125 -2.67 9.85 0.98
N ARG C 126 -1.67 10.26 1.80
CA ARG C 126 -1.19 9.42 2.91
C ARG C 126 -2.24 9.21 4.00
N VAL C 127 -3.16 10.18 4.12
CA VAL C 127 -4.22 10.23 5.11
C VAL C 127 -5.37 9.32 4.72
N HIS C 128 -5.87 9.50 3.47
CA HIS C 128 -6.98 8.74 2.91
C HIS C 128 -6.67 7.25 2.95
N GLN C 129 -5.40 6.88 2.74
CA GLN C 129 -4.87 5.51 2.78
C GLN C 129 -5.23 4.80 4.10
N GLN C 130 -5.16 5.54 5.22
CA GLN C 130 -5.38 5.04 6.57
C GLN C 130 -6.82 5.09 7.09
N VAL C 131 -7.79 5.57 6.28
CA VAL C 131 -9.21 5.66 6.70
C VAL C 131 -9.73 4.30 7.22
N PRO C 132 -10.64 4.27 8.23
CA PRO C 132 -11.16 2.97 8.70
C PRO C 132 -12.03 2.25 7.66
N ARG C 133 -11.96 0.92 7.67
CA ARG C 133 -12.79 0.08 6.82
C ARG C 133 -14.04 -0.30 7.62
N LYS C 134 -14.99 -0.97 6.98
CA LYS C 134 -16.22 -1.42 7.63
C LYS C 134 -15.88 -2.30 8.85
N GLY C 135 -16.52 -1.98 9.99
CA GLY C 135 -16.36 -2.69 11.26
C GLY C 135 -15.10 -2.34 12.04
N GLU C 136 -14.35 -1.34 11.58
CA GLU C 136 -13.09 -0.90 12.17
C GLU C 136 -13.21 0.51 12.81
N LEU C 137 -12.51 0.69 13.94
CA LEU C 137 -12.39 1.96 14.64
C LEU C 137 -10.93 2.37 14.47
N VAL C 138 -10.70 3.51 13.82
CA VAL C 138 -9.34 4.03 13.59
C VAL C 138 -9.14 5.36 14.32
N ILE C 139 -8.03 5.43 15.08
CA ILE C 139 -7.64 6.65 15.78
C ILE C 139 -6.48 7.29 14.99
N PHE C 140 -6.65 8.59 14.65
CA PHE C 140 -5.61 9.37 13.96
C PHE C 140 -4.88 10.17 15.04
N ASN C 141 -3.62 9.80 15.31
CA ASN C 141 -2.75 10.50 16.27
C ASN C 141 -2.03 11.50 15.37
N ARG C 142 -2.59 12.74 15.32
CA ARG C 142 -2.29 13.81 14.38
C ARG C 142 -3.00 13.38 13.09
N SER C 143 -3.22 14.28 12.15
CA SER C 143 -3.99 13.93 10.96
C SER C 143 -3.66 14.85 9.81
N HIS C 144 -4.60 14.94 8.84
CA HIS C 144 -4.58 15.81 7.67
C HIS C 144 -4.59 17.27 8.11
N TYR C 145 -5.06 17.54 9.36
CA TYR C 145 -5.10 18.87 9.98
C TYR C 145 -3.73 19.46 10.13
N GLU C 146 -2.70 18.61 10.25
CA GLU C 146 -1.29 19.03 10.33
C GLU C 146 -0.91 19.89 9.12
N ASP C 147 -1.58 19.65 7.99
CA ASP C 147 -1.34 20.36 6.73
C ASP C 147 -1.99 21.76 6.69
N VAL C 148 -2.64 22.16 7.80
CA VAL C 148 -3.19 23.50 8.05
C VAL C 148 -2.72 23.99 9.44
N LEU C 149 -1.77 23.25 10.07
CA LEU C 149 -1.20 23.58 11.38
C LEU C 149 0.30 23.92 11.32
N VAL C 150 1.18 22.90 11.43
CA VAL C 150 2.66 23.05 11.36
C VAL C 150 3.05 23.61 9.99
N VAL C 151 2.28 23.24 8.97
CA VAL C 151 2.44 23.70 7.58
C VAL C 151 2.11 25.21 7.51
N ARG C 152 1.09 25.67 8.27
CA ARG C 152 0.69 27.07 8.36
C ARG C 152 1.69 27.88 9.18
N VAL C 153 1.99 27.41 10.41
CA VAL C 153 2.89 28.04 11.38
C VAL C 153 4.30 28.22 10.82
N LYS C 154 4.91 27.13 10.33
CA LYS C 154 6.27 27.11 9.80
C LYS C 154 6.37 27.48 8.31
N ASN C 155 5.23 27.82 7.66
CA ASN C 155 5.14 28.20 6.24
C ASN C 155 5.88 27.23 5.33
N LEU C 156 5.50 25.94 5.41
CA LEU C 156 6.10 24.88 4.62
C LEU C 156 5.62 24.91 3.16
N VAL C 157 4.46 25.59 2.96
CA VAL C 157 3.82 25.93 1.68
C VAL C 157 3.33 27.38 1.86
N PRO C 158 3.17 28.21 0.81
CA PRO C 158 2.70 29.58 1.03
C PRO C 158 1.22 29.64 1.41
N GLN C 159 0.80 30.78 1.99
CA GLN C 159 -0.59 31.06 2.40
C GLN C 159 -1.59 30.71 1.29
N GLN C 160 -1.28 31.05 0.02
CA GLN C 160 -2.11 30.76 -1.16
C GLN C 160 -2.50 29.28 -1.26
N VAL C 161 -1.57 28.37 -0.89
CA VAL C 161 -1.73 26.91 -0.94
C VAL C 161 -2.49 26.34 0.27
N TRP C 162 -2.07 26.67 1.51
CA TRP C 162 -2.72 26.10 2.70
C TRP C 162 -4.11 26.71 3.00
N GLN C 163 -4.43 27.91 2.47
CA GLN C 163 -5.73 28.53 2.69
C GLN C 163 -6.85 27.74 1.96
N LYS C 164 -6.53 27.19 0.77
CA LYS C 164 -7.46 26.41 -0.04
C LYS C 164 -7.79 25.06 0.62
N ARG C 165 -6.90 24.59 1.52
CA ARG C 165 -6.96 23.31 2.20
C ARG C 165 -8.11 23.15 3.19
N TYR C 166 -8.68 24.24 3.71
CA TYR C 166 -9.84 24.10 4.62
C TYR C 166 -11.05 23.55 3.85
N ARG C 167 -11.29 24.07 2.62
CA ARG C 167 -12.36 23.59 1.74
C ARG C 167 -12.12 22.14 1.37
N HIS C 168 -10.85 21.75 1.03
CA HIS C 168 -10.47 20.38 0.71
C HIS C 168 -10.87 19.45 1.86
N ILE C 169 -10.49 19.79 3.11
CA ILE C 169 -10.78 19.00 4.31
C ILE C 169 -12.31 18.82 4.52
N ARG C 170 -13.08 19.93 4.49
CA ARG C 170 -14.54 19.91 4.64
C ARG C 170 -15.19 18.95 3.66
N GLU C 171 -14.72 18.98 2.41
CA GLU C 171 -15.23 18.17 1.31
C GLU C 171 -14.77 16.73 1.34
N PHE C 172 -13.57 16.47 1.87
CA PHE C 172 -13.02 15.13 2.02
C PHE C 172 -13.82 14.44 3.14
N GLU C 173 -14.04 15.18 4.25
CA GLU C 173 -14.82 14.71 5.39
C GLU C 173 -16.30 14.54 5.05
N ARG C 174 -16.85 15.34 4.11
CA ARG C 174 -18.26 15.20 3.69
C ARG C 174 -18.43 13.88 2.95
N MET C 175 -17.52 13.60 2.01
CA MET C 175 -17.46 12.39 1.21
C MET C 175 -17.36 11.17 2.14
N LEU C 176 -16.45 11.20 3.14
CA LEU C 176 -16.27 10.10 4.10
C LEU C 176 -17.54 9.82 4.87
N ALA C 177 -18.18 10.88 5.40
CA ALA C 177 -19.41 10.80 6.19
C ALA C 177 -20.58 10.31 5.36
N ASP C 178 -20.72 10.83 4.12
CA ASP C 178 -21.78 10.42 3.18
C ASP C 178 -21.64 8.93 2.84
N GLU C 179 -20.39 8.44 2.79
CA GLU C 179 -20.07 7.04 2.45
C GLU C 179 -20.07 6.07 3.66
N GLY C 180 -20.50 6.54 4.83
CA GLY C 180 -20.66 5.71 6.02
C GLY C 180 -19.64 5.77 7.15
N THR C 181 -18.87 6.86 7.20
CA THR C 181 -17.89 7.06 8.28
C THR C 181 -18.47 8.02 9.33
N THR C 182 -18.36 7.63 10.60
CA THR C 182 -18.75 8.42 11.77
C THR C 182 -17.44 9.11 12.20
N ILE C 183 -17.38 10.45 12.03
CA ILE C 183 -16.20 11.27 12.30
C ILE C 183 -16.32 12.07 13.60
N LEU C 184 -15.43 11.74 14.56
CA LEU C 184 -15.32 12.43 15.84
C LEU C 184 -13.95 13.09 15.86
N LYS C 185 -13.91 14.42 15.85
CA LYS C 185 -12.61 15.11 15.92
C LYS C 185 -12.49 15.82 17.27
N PHE C 186 -11.47 15.46 18.04
CA PHE C 186 -11.22 15.99 19.36
C PHE C 186 -9.97 16.85 19.42
N PHE C 187 -10.14 18.10 19.91
CA PHE C 187 -9.02 19.00 20.14
C PHE C 187 -8.79 18.99 21.64
N LEU C 188 -7.68 18.37 22.05
CA LEU C 188 -7.31 18.27 23.45
C LEU C 188 -6.62 19.60 23.80
N HIS C 189 -7.40 20.47 24.47
CA HIS C 189 -7.04 21.84 24.82
C HIS C 189 -6.31 21.98 26.16
N ILE C 190 -5.02 22.30 26.08
CA ILE C 190 -4.15 22.53 27.24
C ILE C 190 -3.67 23.99 27.25
N SER C 191 -3.29 24.48 28.42
CA SER C 191 -2.78 25.85 28.58
C SER C 191 -1.27 25.87 28.36
N LYS C 192 -0.69 27.07 28.10
CA LYS C 192 0.75 27.27 27.90
C LYS C 192 1.54 26.79 29.13
N ASP C 193 1.03 27.11 30.34
CA ASP C 193 1.65 26.70 31.61
C ASP C 193 1.60 25.20 31.84
N GLU C 194 0.50 24.54 31.42
CA GLU C 194 0.35 23.08 31.54
C GLU C 194 1.33 22.36 30.63
N GLN C 195 1.57 22.91 29.45
CA GLN C 195 2.53 22.35 28.50
C GLN C 195 3.93 22.40 29.10
N ARG C 196 4.30 23.53 29.73
CA ARG C 196 5.60 23.75 30.37
C ARG C 196 5.87 22.68 31.44
N GLN C 197 4.87 22.42 32.30
CA GLN C 197 4.92 21.43 33.39
C GLN C 197 5.13 20.04 32.81
N ARG C 198 4.32 19.66 31.81
CA ARG C 198 4.33 18.37 31.15
C ARG C 198 5.63 18.10 30.38
N LEU C 199 6.17 19.11 29.67
CA LEU C 199 7.43 18.99 28.94
C LEU C 199 8.60 18.80 29.90
N GLN C 200 8.57 19.50 31.06
CA GLN C 200 9.56 19.39 32.11
C GLN C 200 9.48 18.02 32.78
N GLU C 201 8.24 17.56 33.09
CA GLU C 201 7.95 16.26 33.71
C GLU C 201 8.43 15.13 32.82
N ARG C 202 8.30 15.30 31.47
CA ARG C 202 8.74 14.37 30.43
C ARG C 202 10.27 14.25 30.46
N LEU C 203 10.96 15.40 30.55
CA LEU C 203 12.42 15.53 30.61
C LEU C 203 13.01 14.93 31.90
N ASP C 204 12.30 15.08 33.04
CA ASP C 204 12.74 14.58 34.35
C ASP C 204 12.39 13.11 34.60
N ASN C 205 11.50 12.53 33.77
CA ASN C 205 11.10 11.12 33.87
C ASN C 205 12.04 10.30 32.96
N PRO C 206 12.80 9.32 33.52
CA PRO C 206 13.72 8.52 32.68
C PRO C 206 13.03 7.64 31.65
N GLU C 207 11.79 7.19 31.96
CA GLU C 207 10.97 6.33 31.10
C GLU C 207 10.20 7.14 30.05
N LYS C 208 10.26 8.49 30.14
CA LYS C 208 9.56 9.40 29.21
C LYS C 208 10.50 10.37 28.48
N ARG C 209 11.77 10.50 28.93
CA ARG C 209 12.79 11.38 28.32
C ARG C 209 12.91 11.17 26.80
N TRP C 210 12.77 9.91 26.32
CA TRP C 210 12.86 9.52 24.90
C TRP C 210 11.86 10.29 24.02
N LYS C 211 10.69 10.65 24.60
CA LYS C 211 9.62 11.40 23.95
C LYS C 211 10.01 12.87 23.70
N PHE C 212 11.08 13.36 24.40
CA PHE C 212 11.61 14.71 24.25
C PHE C 212 12.61 14.83 23.10
N ARG C 213 12.42 15.89 22.32
CA ARG C 213 13.25 16.30 21.17
C ARG C 213 13.58 17.78 21.30
N MET C 214 14.69 18.21 20.67
CA MET C 214 15.13 19.61 20.70
C MET C 214 14.13 20.51 19.95
N GLY C 215 13.52 19.97 18.89
CA GLY C 215 12.52 20.64 18.06
C GLY C 215 11.24 20.98 18.76
N ASP C 216 10.94 20.31 19.89
CA ASP C 216 9.74 20.52 20.71
C ASP C 216 9.71 21.92 21.31
N LEU C 217 10.91 22.51 21.52
CA LEU C 217 11.14 23.83 22.09
C LEU C 217 10.74 24.97 21.15
N GLU C 218 10.83 24.76 19.81
CA GLU C 218 10.43 25.73 18.78
C GLU C 218 8.90 25.78 18.70
N ASP C 219 8.24 24.64 18.98
CA ASP C 219 6.78 24.53 18.98
C ASP C 219 6.16 25.24 20.21
N ARG C 220 7.00 25.57 21.21
CA ARG C 220 6.66 26.30 22.44
C ARG C 220 6.94 27.81 22.21
N ARG C 221 7.99 28.13 21.42
CA ARG C 221 8.37 29.49 21.00
C ARG C 221 7.28 30.09 20.07
N LEU C 222 6.55 29.20 19.34
CA LEU C 222 5.47 29.52 18.39
C LEU C 222 4.06 29.16 18.92
N TRP C 223 3.91 29.05 20.28
CA TRP C 223 2.64 28.71 20.96
C TRP C 223 1.44 29.50 20.42
N ASP C 224 1.55 30.85 20.39
CA ASP C 224 0.49 31.77 19.96
C ASP C 224 0.05 31.56 18.51
N ARG C 225 1.02 31.33 17.59
CA ARG C 225 0.78 31.08 16.17
C ARG C 225 0.01 29.76 16.00
N TYR C 226 0.36 28.75 16.81
CA TYR C 226 -0.28 27.44 16.82
C TYR C 226 -1.71 27.53 17.36
N GLN C 227 -1.96 28.43 18.33
CA GLN C 227 -3.30 28.62 18.90
C GLN C 227 -4.17 29.31 17.86
N GLU C 228 -3.58 30.28 17.11
CA GLU C 228 -4.25 31.00 16.01
C GLU C 228 -4.60 30.00 14.90
N ALA C 229 -3.70 29.00 14.65
CA ALA C 229 -3.83 27.95 13.65
C ALA C 229 -4.94 26.94 14.01
N TYR C 230 -5.05 26.57 15.31
CA TYR C 230 -6.10 25.68 15.78
C TYR C 230 -7.46 26.35 15.73
N GLU C 231 -7.55 27.63 16.18
CA GLU C 231 -8.78 28.42 16.11
C GLU C 231 -9.27 28.50 14.66
N ALA C 232 -8.37 28.84 13.70
CA ALA C 232 -8.68 28.90 12.27
C ALA C 232 -9.18 27.55 11.74
N ALA C 233 -8.45 26.44 12.03
CA ALA C 233 -8.79 25.08 11.60
C ALA C 233 -10.17 24.63 12.10
N ILE C 234 -10.40 24.73 13.44
CA ILE C 234 -11.66 24.37 14.10
C ILE C 234 -12.85 25.20 13.55
N ARG C 235 -12.68 26.54 13.45
CA ARG C 235 -13.70 27.47 12.91
C ARG C 235 -14.08 27.11 11.46
N GLU C 236 -13.08 26.76 10.64
CA GLU C 236 -13.24 26.42 9.23
C GLU C 236 -13.79 25.02 8.98
N THR C 237 -13.46 24.03 9.83
CA THR C 237 -13.83 22.65 9.53
C THR C 237 -14.86 21.98 10.46
N SER C 238 -15.36 22.68 11.50
CA SER C 238 -16.37 22.06 12.36
C SER C 238 -17.70 22.10 11.63
N THR C 239 -18.18 20.92 11.22
CA THR C 239 -19.41 20.76 10.45
C THR C 239 -20.42 19.85 11.16
N GLU C 240 -21.65 19.76 10.58
CA GLU C 240 -22.71 18.91 11.08
C GLU C 240 -22.30 17.43 10.91
N TYR C 241 -21.62 17.11 9.80
CA TYR C 241 -21.18 15.76 9.45
C TYR C 241 -19.87 15.35 10.15
N ALA C 242 -18.96 16.32 10.37
CA ALA C 242 -17.69 16.07 11.04
C ALA C 242 -17.48 17.16 12.10
N PRO C 243 -18.08 17.00 13.30
CA PRO C 243 -17.91 18.05 14.32
C PRO C 243 -16.59 18.02 15.06
N TRP C 244 -16.18 19.21 15.54
CA TRP C 244 -15.02 19.39 16.39
C TRP C 244 -15.53 19.51 17.81
N TYR C 245 -14.80 18.90 18.74
CA TYR C 245 -15.08 18.95 20.18
C TYR C 245 -13.83 19.52 20.85
N VAL C 246 -14.00 20.60 21.63
CA VAL C 246 -12.88 21.20 22.37
C VAL C 246 -12.92 20.54 23.74
N ILE C 247 -11.91 19.70 24.03
CA ILE C 247 -11.81 18.96 25.29
C ILE C 247 -10.84 19.68 26.25
N PRO C 248 -11.32 20.25 27.39
CA PRO C 248 -10.38 20.85 28.37
C PRO C 248 -9.49 19.71 28.88
N ALA C 249 -8.22 19.70 28.43
CA ALA C 249 -7.30 18.61 28.69
C ALA C 249 -6.23 18.87 29.77
N ASN C 250 -6.37 19.95 30.57
CA ASN C 250 -5.44 20.26 31.65
C ASN C 250 -5.47 19.21 32.77
N LYS C 251 -6.67 18.66 33.07
CA LYS C 251 -6.91 17.60 34.05
C LYS C 251 -7.21 16.34 33.26
N ASN C 252 -6.26 15.37 33.24
CA ASN C 252 -6.33 14.10 32.50
C ASN C 252 -7.59 13.29 32.81
N TRP C 253 -8.02 13.27 34.11
CA TRP C 253 -9.22 12.54 34.54
C TRP C 253 -10.47 13.02 33.82
N TYR C 254 -10.58 14.35 33.62
CA TYR C 254 -11.72 14.95 32.95
C TYR C 254 -11.65 14.72 31.46
N ARG C 255 -10.44 14.88 30.88
CA ARG C 255 -10.16 14.65 29.47
C ARG C 255 -10.56 13.22 29.09
N ASN C 256 -10.08 12.22 29.82
CA ASN C 256 -10.39 10.81 29.60
C ASN C 256 -11.87 10.49 29.74
N TRP C 257 -12.56 11.05 30.75
CA TRP C 257 -14.00 10.84 30.95
C TRP C 257 -14.85 11.46 29.80
N LEU C 258 -14.56 12.72 29.42
CA LEU C 258 -15.30 13.47 28.39
C LEU C 258 -15.15 12.88 26.99
N VAL C 259 -13.91 12.43 26.64
CA VAL C 259 -13.61 11.78 25.35
C VAL C 259 -14.37 10.46 25.27
N SER C 260 -14.36 9.69 26.39
CA SER C 260 -15.05 8.42 26.55
C SER C 260 -16.55 8.60 26.41
N HIS C 261 -17.14 9.57 27.15
CA HIS C 261 -18.57 9.87 27.13
C HIS C 261 -19.07 10.18 25.73
N ILE C 262 -18.39 11.13 25.03
CA ILE C 262 -18.74 11.54 23.68
C ILE C 262 -18.70 10.35 22.74
N LEU C 263 -17.62 9.56 22.79
CA LEU C 263 -17.44 8.37 21.95
C LEU C 263 -18.51 7.29 22.19
N VAL C 264 -18.80 6.98 23.47
CA VAL C 264 -19.81 5.97 23.85
C VAL C 264 -21.21 6.41 23.39
N GLU C 265 -21.59 7.69 23.66
CA GLU C 265 -22.88 8.25 23.24
C GLU C 265 -23.09 8.14 21.72
N THR C 266 -22.02 8.44 20.94
CA THR C 266 -22.00 8.37 19.48
C THR C 266 -22.23 6.93 19.00
N LEU C 267 -21.41 5.99 19.51
CA LEU C 267 -21.51 4.55 19.19
C LEU C 267 -22.84 3.92 19.60
N GLU C 268 -23.43 4.37 20.74
CA GLU C 268 -24.75 3.90 21.21
C GLU C 268 -25.81 4.36 20.21
N GLY C 269 -25.60 5.56 19.68
CA GLY C 269 -26.48 6.20 18.71
C GLY C 269 -26.51 5.53 17.34
N LEU C 270 -25.52 4.68 17.04
CA LEU C 270 -25.45 3.99 15.76
C LEU C 270 -26.44 2.83 15.70
N ALA C 271 -27.01 2.42 16.87
CA ALA C 271 -27.98 1.33 17.04
C ALA C 271 -27.54 0.05 16.30
N MET C 272 -26.26 -0.32 16.51
CA MET C 272 -25.63 -1.49 15.88
C MET C 272 -26.24 -2.80 16.35
N GLN C 273 -26.39 -3.76 15.43
CA GLN C 273 -27.01 -5.07 15.72
C GLN C 273 -26.13 -6.24 15.30
N TYR C 274 -26.15 -7.33 16.07
CA TYR C 274 -25.40 -8.55 15.76
C TYR C 274 -26.04 -9.25 14.55
N PRO C 275 -25.24 -9.64 13.52
CA PRO C 275 -25.84 -10.31 12.34
C PRO C 275 -26.52 -11.63 12.66
N GLN C 276 -27.51 -12.02 11.84
CA GLN C 276 -28.27 -13.26 12.03
C GLN C 276 -27.83 -14.40 11.11
N MET D 21 -10.15 22.00 -30.13
CA MET D 21 -9.69 22.05 -28.75
C MET D 21 -10.76 22.69 -27.86
N LYS D 22 -11.11 23.95 -28.17
CA LYS D 22 -12.13 24.74 -27.46
C LYS D 22 -13.54 24.24 -27.78
N LYS D 23 -13.73 23.65 -28.98
CA LYS D 23 -15.03 23.13 -29.41
C LYS D 23 -15.44 21.85 -28.66
N TYR D 24 -14.48 20.94 -28.43
CA TYR D 24 -14.68 19.66 -27.75
C TYR D 24 -14.59 19.76 -26.22
N ARG D 25 -14.09 20.90 -25.70
CA ARG D 25 -13.99 21.16 -24.26
C ARG D 25 -15.37 21.54 -23.73
N VAL D 26 -15.87 20.78 -22.74
CA VAL D 26 -17.16 21.01 -22.12
C VAL D 26 -17.06 22.16 -21.10
N GLN D 27 -17.72 23.28 -21.41
CA GLN D 27 -17.74 24.49 -20.58
C GLN D 27 -18.37 24.22 -19.20
N PRO D 28 -17.85 24.81 -18.12
CA PRO D 28 -18.46 24.59 -16.79
C PRO D 28 -19.72 25.43 -16.55
N ASP D 29 -20.70 25.35 -17.47
CA ASP D 29 -21.96 26.11 -17.40
C ASP D 29 -23.18 25.25 -16.98
N GLY D 30 -23.01 23.92 -16.96
CA GLY D 30 -24.06 22.97 -16.63
C GLY D 30 -25.16 22.93 -17.67
N ARG D 31 -24.84 23.25 -18.94
CA ARG D 31 -25.77 23.29 -20.05
C ARG D 31 -25.41 22.26 -21.13
N PHE D 32 -24.50 21.32 -20.80
CA PHE D 32 -24.02 20.27 -21.70
C PHE D 32 -25.10 19.29 -22.15
N GLU D 33 -25.17 19.05 -23.47
CA GLU D 33 -26.09 18.12 -24.13
C GLU D 33 -25.27 17.23 -25.08
N LEU D 34 -25.25 15.92 -24.81
CA LEU D 34 -24.50 14.92 -25.58
C LEU D 34 -24.99 14.79 -27.04
N LYS D 35 -26.26 15.13 -27.31
CA LYS D 35 -26.86 15.10 -28.66
C LYS D 35 -26.19 16.11 -29.62
N ARG D 36 -25.56 17.17 -29.06
CA ARG D 36 -24.83 18.22 -29.78
C ARG D 36 -23.47 17.70 -30.29
N PHE D 37 -23.13 16.44 -29.95
CA PHE D 37 -21.88 15.78 -30.32
C PHE D 37 -22.15 14.54 -31.18
N ASP D 38 -21.60 14.54 -32.42
CA ASP D 38 -21.75 13.43 -33.35
C ASP D 38 -20.52 12.52 -33.27
N PRO D 39 -20.70 11.21 -32.96
CA PRO D 39 -19.53 10.30 -32.92
C PRO D 39 -18.75 10.18 -34.23
N ASP D 40 -19.39 10.48 -35.38
CA ASP D 40 -18.79 10.42 -36.71
C ASP D 40 -18.16 11.75 -37.17
N ASP D 41 -18.16 12.78 -36.30
CA ASP D 41 -17.60 14.11 -36.57
C ASP D 41 -16.08 14.07 -36.67
N THR D 42 -15.52 14.71 -37.72
CA THR D 42 -14.09 14.80 -38.02
C THR D 42 -13.70 16.23 -38.48
N SER D 43 -14.54 17.24 -38.17
CA SER D 43 -14.40 18.66 -38.57
C SER D 43 -13.10 19.38 -38.13
N ALA D 44 -12.44 18.93 -37.03
CA ALA D 44 -11.18 19.56 -36.58
C ALA D 44 -9.96 19.16 -37.42
N PHE D 45 -10.08 18.10 -38.25
CA PHE D 45 -9.01 17.65 -39.14
C PHE D 45 -9.43 17.67 -40.61
N GLU D 46 -8.55 18.17 -41.49
CA GLU D 46 -8.89 18.27 -42.91
C GLU D 46 -8.55 17.03 -43.77
N GLY D 47 -7.27 16.70 -43.88
CA GLY D 47 -6.70 15.68 -44.77
C GLY D 47 -7.09 14.20 -44.76
N GLY D 48 -8.03 13.79 -43.90
CA GLY D 48 -8.43 12.40 -43.83
C GLY D 48 -7.44 11.48 -43.14
N LYS D 49 -7.72 10.14 -43.11
CA LYS D 49 -6.95 9.09 -42.43
C LYS D 49 -5.43 9.13 -42.67
N GLN D 50 -5.00 9.10 -43.94
CA GLN D 50 -3.57 9.10 -44.29
C GLN D 50 -2.81 10.32 -43.79
N ALA D 51 -3.43 11.52 -43.91
CA ALA D 51 -2.83 12.77 -43.44
C ALA D 51 -2.80 12.83 -41.91
N ALA D 52 -3.83 12.24 -41.25
CA ALA D 52 -3.96 12.20 -39.79
C ALA D 52 -2.92 11.32 -39.13
N LEU D 53 -2.52 10.20 -39.79
CA LEU D 53 -1.50 9.28 -39.28
C LEU D 53 -0.14 9.99 -39.22
N GLU D 54 0.15 10.80 -40.26
CA GLU D 54 1.38 11.60 -40.37
C GLU D 54 1.41 12.66 -39.27
N ALA D 55 0.27 13.39 -39.07
CA ALA D 55 0.08 14.44 -38.07
C ALA D 55 0.19 13.87 -36.65
N LEU D 56 -0.34 12.65 -36.44
CA LEU D 56 -0.29 11.92 -35.18
C LEU D 56 1.15 11.55 -34.83
N ALA D 57 1.95 11.11 -35.82
CA ALA D 57 3.35 10.73 -35.64
C ALA D 57 4.18 11.93 -35.13
N VAL D 58 3.86 13.14 -35.62
CA VAL D 58 4.48 14.43 -35.24
C VAL D 58 4.12 14.74 -33.77
N LEU D 59 2.82 14.61 -33.40
CA LEU D 59 2.33 14.86 -32.05
C LEU D 59 2.88 13.85 -31.05
N ASN D 60 3.03 12.58 -31.48
CA ASN D 60 3.56 11.49 -30.68
C ASN D 60 5.03 11.74 -30.32
N ARG D 61 5.83 12.25 -31.29
CA ARG D 61 7.25 12.59 -31.08
C ARG D 61 7.35 13.73 -30.05
N ARG D 62 6.48 14.75 -30.17
CA ARG D 62 6.36 15.88 -29.25
C ARG D 62 5.96 15.37 -27.86
N LEU D 63 5.00 14.42 -27.79
CA LEU D 63 4.54 13.82 -26.54
C LEU D 63 5.68 13.10 -25.81
N GLU D 64 6.50 12.32 -26.55
CA GLU D 64 7.67 11.60 -26.00
C GLU D 64 8.63 12.60 -25.34
N LYS D 65 8.93 13.72 -26.04
CA LYS D 65 9.81 14.79 -25.55
C LYS D 65 9.21 15.52 -24.32
N LEU D 66 7.90 15.81 -24.35
CA LEU D 66 7.20 16.48 -23.26
C LEU D 66 7.22 15.65 -21.98
N GLN D 67 7.04 14.32 -22.09
CA GLN D 67 7.06 13.40 -20.96
C GLN D 67 8.46 13.33 -20.34
N GLU D 68 9.51 13.30 -21.16
CA GLU D 68 10.90 13.29 -20.68
C GLU D 68 11.17 14.57 -19.88
N LEU D 69 10.56 15.70 -20.28
CA LEU D 69 10.66 17.01 -19.63
C LEU D 69 9.87 17.02 -18.30
N LEU D 70 8.69 16.39 -18.27
CA LEU D 70 7.81 16.27 -17.10
C LEU D 70 8.56 15.50 -15.99
N TYR D 71 9.17 14.36 -16.37
CA TYR D 71 9.93 13.48 -15.51
C TYR D 71 11.15 14.17 -14.93
N ALA D 72 11.91 14.89 -15.79
CA ALA D 72 13.13 15.64 -15.44
C ALA D 72 12.85 16.76 -14.45
N GLU D 73 11.89 17.65 -14.78
CA GLU D 73 11.46 18.77 -13.93
C GLU D 73 10.94 18.23 -12.57
N GLY D 74 10.22 17.12 -12.61
CA GLY D 74 9.69 16.41 -11.45
C GLY D 74 8.85 17.23 -10.49
N GLN D 75 8.00 18.12 -11.02
CA GLN D 75 7.12 18.96 -10.21
C GLN D 75 5.64 18.71 -10.50
N HIS D 76 5.22 18.78 -11.78
CA HIS D 76 3.82 18.56 -12.18
C HIS D 76 3.43 17.08 -12.11
N LYS D 77 2.13 16.83 -11.95
CA LYS D 77 1.51 15.51 -11.91
C LYS D 77 0.48 15.53 -13.02
N VAL D 78 0.49 14.54 -13.92
CA VAL D 78 -0.46 14.52 -15.03
C VAL D 78 -1.39 13.32 -14.93
N LEU D 79 -2.70 13.59 -14.87
CA LEU D 79 -3.75 12.59 -14.80
C LEU D 79 -4.63 12.63 -16.05
N VAL D 80 -4.59 11.53 -16.82
CA VAL D 80 -5.41 11.37 -18.01
C VAL D 80 -6.51 10.34 -17.67
N VAL D 81 -7.76 10.79 -17.64
CA VAL D 81 -8.90 9.92 -17.35
C VAL D 81 -9.57 9.53 -18.69
N LEU D 82 -9.72 8.21 -18.93
CA LEU D 82 -10.40 7.68 -20.10
C LEU D 82 -11.69 6.98 -19.67
N GLN D 83 -12.81 7.40 -20.27
CA GLN D 83 -14.15 6.87 -20.04
C GLN D 83 -14.81 6.68 -21.39
N ALA D 84 -15.48 5.54 -21.58
CA ALA D 84 -16.19 5.16 -22.81
C ALA D 84 -17.06 3.96 -22.52
N MET D 85 -18.00 3.67 -23.43
CA MET D 85 -18.85 2.48 -23.38
C MET D 85 -17.94 1.29 -23.73
N ASP D 86 -18.37 0.04 -23.45
CA ASP D 86 -17.51 -1.10 -23.80
C ASP D 86 -17.23 -1.10 -25.30
N ALA D 87 -15.94 -1.23 -25.68
CA ALA D 87 -15.39 -1.18 -27.06
C ALA D 87 -15.36 0.27 -27.62
N GLY D 88 -15.46 1.25 -26.73
CA GLY D 88 -15.42 2.68 -27.05
C GLY D 88 -14.06 3.21 -27.45
N GLY D 89 -13.00 2.42 -27.22
CA GLY D 89 -11.63 2.77 -27.61
C GLY D 89 -10.64 3.09 -26.51
N LYS D 90 -10.94 2.67 -25.26
CA LYS D 90 -10.09 2.87 -24.09
C LYS D 90 -8.69 2.26 -24.26
N ASP D 91 -8.61 0.96 -24.56
CA ASP D 91 -7.32 0.24 -24.73
C ASP D 91 -6.55 0.72 -25.94
N GLY D 92 -7.25 1.00 -27.04
CA GLY D 92 -6.68 1.49 -28.30
C GLY D 92 -6.01 2.83 -28.15
N THR D 93 -6.62 3.75 -27.36
CA THR D 93 -6.09 5.08 -27.10
C THR D 93 -4.75 4.98 -26.36
N ILE D 94 -4.69 4.15 -25.31
CA ILE D 94 -3.47 3.94 -24.52
C ILE D 94 -2.36 3.43 -25.43
N ARG D 95 -2.67 2.38 -26.18
CA ARG D 95 -1.77 1.70 -27.11
C ARG D 95 -1.17 2.64 -28.14
N VAL D 96 -2.01 3.40 -28.88
CA VAL D 96 -1.59 4.29 -29.97
C VAL D 96 -1.03 5.65 -29.48
N VAL D 97 -1.78 6.38 -28.60
CA VAL D 97 -1.35 7.71 -28.12
C VAL D 97 -0.02 7.65 -27.36
N PHE D 98 0.16 6.66 -26.47
CA PHE D 98 1.35 6.56 -25.62
C PHE D 98 2.41 5.61 -26.18
N ASP D 99 2.31 5.27 -27.47
CA ASP D 99 3.24 4.40 -28.18
C ASP D 99 4.62 5.06 -28.23
N GLY D 100 5.60 4.39 -27.64
CA GLY D 100 6.97 4.89 -27.60
C GLY D 100 7.31 5.78 -26.43
N VAL D 101 6.28 6.22 -25.68
CA VAL D 101 6.46 7.06 -24.49
C VAL D 101 7.08 6.19 -23.37
N ASN D 102 8.21 6.66 -22.78
CA ASN D 102 9.01 5.99 -21.75
C ASN D 102 8.18 5.39 -20.61
N PRO D 103 8.31 4.04 -20.34
CA PRO D 103 7.54 3.43 -19.25
C PRO D 103 7.90 3.91 -17.85
N SER D 104 9.07 4.56 -17.69
CA SER D 104 9.57 5.08 -16.41
C SER D 104 8.72 6.23 -15.86
N GLY D 105 8.11 7.00 -16.76
CA GLY D 105 7.26 8.13 -16.41
C GLY D 105 5.79 7.99 -16.78
N VAL D 106 5.39 6.81 -17.32
CA VAL D 106 4.00 6.54 -17.73
C VAL D 106 3.48 5.30 -17.04
N ARG D 107 2.27 5.42 -16.45
CA ARG D 107 1.62 4.33 -15.72
C ARG D 107 0.12 4.26 -16.04
N VAL D 108 -0.39 3.02 -16.17
CA VAL D 108 -1.81 2.77 -16.41
C VAL D 108 -2.39 2.15 -15.17
N ALA D 109 -3.49 2.73 -14.68
CA ALA D 109 -4.25 2.24 -13.54
C ALA D 109 -5.65 1.92 -14.05
N SER D 110 -6.00 0.62 -14.06
CA SER D 110 -7.32 0.14 -14.50
C SER D 110 -8.25 -0.01 -13.30
N PHE D 111 -9.51 0.38 -13.47
CA PHE D 111 -10.51 0.26 -12.41
C PHE D 111 -11.66 -0.65 -12.85
N GLY D 112 -11.75 -1.82 -12.22
CA GLY D 112 -12.77 -2.82 -12.51
C GLY D 112 -13.77 -3.03 -11.40
N VAL D 113 -14.43 -4.21 -11.41
CA VAL D 113 -15.42 -4.61 -10.40
C VAL D 113 -14.79 -4.55 -9.00
N PRO D 114 -15.28 -3.64 -8.11
CA PRO D 114 -14.65 -3.51 -6.79
C PRO D 114 -14.67 -4.77 -5.96
N THR D 115 -13.55 -5.05 -5.27
CA THR D 115 -13.41 -6.21 -4.37
C THR D 115 -14.04 -5.86 -3.01
N GLU D 116 -14.16 -6.86 -2.10
CA GLU D 116 -14.71 -6.65 -0.77
C GLU D 116 -13.86 -5.63 0.02
N GLN D 117 -12.50 -5.67 -0.19
CA GLN D 117 -11.50 -4.78 0.41
C GLN D 117 -11.77 -3.34 0.01
N GLU D 118 -12.02 -3.12 -1.30
CA GLU D 118 -12.30 -1.81 -1.91
C GLU D 118 -13.69 -1.27 -1.54
N LEU D 119 -14.71 -2.15 -1.42
CA LEU D 119 -16.06 -1.74 -1.02
C LEU D 119 -16.18 -1.44 0.49
N ALA D 120 -15.20 -1.88 1.30
CA ALA D 120 -15.16 -1.65 2.75
C ALA D 120 -14.77 -0.20 3.12
N ARG D 121 -14.20 0.53 2.17
CA ARG D 121 -13.84 1.93 2.31
C ARG D 121 -14.69 2.70 1.31
N ASP D 122 -14.64 4.05 1.38
CA ASP D 122 -15.34 4.94 0.44
C ASP D 122 -14.88 4.64 -0.99
N TYR D 123 -15.75 4.88 -1.98
CA TYR D 123 -15.47 4.59 -3.38
C TYR D 123 -14.21 5.33 -3.94
N LEU D 124 -13.80 6.45 -3.31
CA LEU D 124 -12.65 7.24 -3.76
C LEU D 124 -11.29 6.70 -3.27
N TRP D 125 -11.30 5.85 -2.22
CA TRP D 125 -10.13 5.25 -1.60
C TRP D 125 -9.23 4.53 -2.60
N ARG D 126 -9.79 3.59 -3.39
CA ARG D 126 -9.03 2.81 -4.36
C ARG D 126 -8.47 3.66 -5.49
N VAL D 127 -9.17 4.73 -5.81
CA VAL D 127 -8.85 5.67 -6.87
C VAL D 127 -7.71 6.58 -6.44
N HIS D 128 -7.88 7.27 -5.29
CA HIS D 128 -6.92 8.21 -4.73
C HIS D 128 -5.54 7.55 -4.58
N GLN D 129 -5.52 6.27 -4.23
CA GLN D 129 -4.32 5.44 -4.09
C GLN D 129 -3.43 5.49 -5.35
N GLN D 130 -4.06 5.48 -6.54
CA GLN D 130 -3.42 5.42 -7.85
C GLN D 130 -3.09 6.78 -8.49
N VAL D 131 -3.37 7.90 -7.82
CA VAL D 131 -3.09 9.24 -8.37
C VAL D 131 -1.62 9.40 -8.78
N PRO D 132 -1.30 10.18 -9.85
CA PRO D 132 0.13 10.33 -10.23
C PRO D 132 0.97 11.10 -9.21
N ARG D 133 2.26 10.73 -9.07
CA ARG D 133 3.22 11.44 -8.21
C ARG D 133 3.90 12.51 -9.07
N LYS D 134 4.72 13.38 -8.46
CA LYS D 134 5.45 14.44 -9.16
C LYS D 134 6.32 13.84 -10.26
N GLY D 135 6.22 14.43 -11.46
CA GLY D 135 6.94 14.00 -12.66
C GLY D 135 6.40 12.76 -13.36
N GLU D 136 5.23 12.25 -12.93
CA GLU D 136 4.57 11.05 -13.46
C GLU D 136 3.29 11.40 -14.24
N LEU D 137 3.03 10.64 -15.32
CA LEU D 137 1.81 10.73 -16.13
C LEU D 137 1.07 9.43 -15.89
N VAL D 138 -0.15 9.51 -15.34
CA VAL D 138 -0.97 8.34 -15.05
C VAL D 138 -2.25 8.35 -15.89
N ILE D 139 -2.54 7.21 -16.54
CA ILE D 139 -3.77 7.03 -17.31
C ILE D 139 -4.71 6.15 -16.51
N PHE D 140 -5.95 6.62 -16.32
CA PHE D 140 -7.01 5.89 -15.63
C PHE D 140 -7.88 5.26 -16.72
N ASN D 141 -7.81 3.90 -16.85
CA ASN D 141 -8.64 3.14 -17.78
C ASN D 141 -9.85 2.79 -16.92
N ARG D 142 -10.89 3.62 -17.05
CA ARG D 142 -12.09 3.70 -16.21
C ARG D 142 -11.59 4.40 -14.94
N SER D 143 -12.50 4.95 -14.13
CA SER D 143 -12.05 5.72 -12.97
C SER D 143 -13.11 5.74 -11.88
N HIS D 144 -13.04 6.78 -11.02
CA HIS D 144 -13.98 7.10 -9.95
C HIS D 144 -15.35 7.43 -10.55
N TYR D 145 -15.38 7.79 -11.86
CA TYR D 145 -16.61 8.08 -12.61
C TYR D 145 -17.52 6.88 -12.71
N GLU D 146 -16.96 5.65 -12.65
CA GLU D 146 -17.77 4.43 -12.66
C GLU D 146 -18.77 4.41 -11.48
N ASP D 147 -18.47 5.15 -10.42
CA ASP D 147 -19.31 5.27 -9.22
C ASP D 147 -20.46 6.28 -9.38
N VAL D 148 -20.65 6.83 -10.61
CA VAL D 148 -21.74 7.71 -11.04
C VAL D 148 -22.26 7.27 -12.41
N LEU D 149 -21.70 6.17 -12.95
CA LEU D 149 -22.11 5.60 -14.24
C LEU D 149 -22.75 4.21 -14.06
N VAL D 150 -21.94 3.13 -13.91
CA VAL D 150 -22.42 1.75 -13.71
C VAL D 150 -23.33 1.61 -12.47
N VAL D 151 -22.96 2.25 -11.33
CA VAL D 151 -23.74 2.21 -10.09
C VAL D 151 -25.09 2.96 -10.22
N ARG D 152 -25.19 3.91 -11.17
CA ARG D 152 -26.43 4.64 -11.44
C ARG D 152 -27.34 3.79 -12.35
N VAL D 153 -26.80 3.33 -13.50
CA VAL D 153 -27.47 2.51 -14.51
C VAL D 153 -27.97 1.17 -13.93
N LYS D 154 -27.11 0.45 -13.19
CA LYS D 154 -27.45 -0.85 -12.58
C LYS D 154 -28.13 -0.73 -11.21
N ASN D 155 -28.31 0.52 -10.70
CA ASN D 155 -28.94 0.86 -9.42
C ASN D 155 -28.27 0.14 -8.24
N LEU D 156 -26.91 0.15 -8.25
CA LEU D 156 -26.08 -0.48 -7.22
C LEU D 156 -26.14 0.27 -5.88
N VAL D 157 -26.61 1.54 -5.92
CA VAL D 157 -26.86 2.44 -4.79
C VAL D 157 -28.07 3.33 -5.15
N PRO D 158 -28.87 3.83 -4.18
CA PRO D 158 -29.98 4.73 -4.53
C PRO D 158 -29.48 6.13 -4.92
N GLN D 159 -30.30 6.91 -5.67
CA GLN D 159 -30.05 8.30 -6.12
C GLN D 159 -29.60 9.19 -4.99
N GLN D 160 -30.20 9.02 -3.80
CA GLN D 160 -29.88 9.76 -2.59
C GLN D 160 -28.40 9.58 -2.18
N VAL D 161 -27.72 8.53 -2.68
CA VAL D 161 -26.31 8.23 -2.43
C VAL D 161 -25.43 8.71 -3.61
N TRP D 162 -25.67 8.22 -4.85
CA TRP D 162 -24.85 8.60 -6.01
C TRP D 162 -25.02 10.08 -6.45
N GLN D 163 -26.14 10.74 -6.08
CA GLN D 163 -26.37 12.13 -6.47
C GLN D 163 -25.39 13.07 -5.75
N LYS D 164 -25.05 12.74 -4.49
CA LYS D 164 -24.10 13.50 -3.69
C LYS D 164 -22.65 13.36 -4.21
N ARG D 165 -22.38 12.28 -4.98
CA ARG D 165 -21.06 11.94 -5.52
C ARG D 165 -20.53 12.88 -6.59
N TYR D 166 -21.40 13.69 -7.26
CA TYR D 166 -20.92 14.66 -8.26
C TYR D 166 -20.13 15.75 -7.55
N ARG D 167 -20.62 16.23 -6.37
CA ARG D 167 -19.96 17.23 -5.53
C ARG D 167 -18.64 16.66 -5.01
N HIS D 168 -18.64 15.37 -4.54
CA HIS D 168 -17.45 14.69 -4.03
C HIS D 168 -16.36 14.71 -5.09
N ILE D 169 -16.69 14.28 -6.33
CA ILE D 169 -15.75 14.24 -7.48
C ILE D 169 -15.18 15.63 -7.79
N ARG D 170 -16.05 16.65 -7.96
CA ARG D 170 -15.65 18.04 -8.24
C ARG D 170 -14.63 18.54 -7.20
N GLU D 171 -14.88 18.23 -5.93
CA GLU D 171 -14.06 18.65 -4.80
C GLU D 171 -12.78 17.83 -4.63
N PHE D 172 -12.80 16.55 -5.02
CA PHE D 172 -11.64 15.68 -4.98
C PHE D 172 -10.68 16.16 -6.08
N GLU D 173 -11.25 16.44 -7.28
CA GLU D 173 -10.51 16.94 -8.43
C GLU D 173 -9.99 18.37 -8.20
N ARG D 174 -10.70 19.20 -7.38
CA ARG D 174 -10.24 20.56 -7.07
C ARG D 174 -9.01 20.49 -6.20
N MET D 175 -9.04 19.63 -5.18
CA MET D 175 -7.96 19.37 -4.24
C MET D 175 -6.72 18.89 -5.02
N LEU D 176 -6.91 17.91 -5.95
CA LEU D 176 -5.82 17.37 -6.77
C LEU D 176 -5.17 18.46 -7.60
N ALA D 177 -6.01 19.29 -8.29
CA ALA D 177 -5.56 20.39 -9.15
C ALA D 177 -4.86 21.48 -8.36
N ASP D 178 -5.41 21.85 -7.19
CA ASP D 178 -4.82 22.86 -6.30
C ASP D 178 -3.45 22.40 -5.80
N GLU D 179 -3.28 21.08 -5.60
CA GLU D 179 -2.04 20.47 -5.10
C GLU D 179 -1.03 20.12 -6.21
N GLY D 180 -1.30 20.54 -7.45
CA GLY D 180 -0.38 20.40 -8.59
C GLY D 180 -0.66 19.35 -9.63
N THR D 181 -1.89 18.84 -9.75
CA THR D 181 -2.24 17.83 -10.75
C THR D 181 -2.96 18.48 -11.93
N THR D 182 -2.53 18.16 -13.16
CA THR D 182 -3.15 18.60 -14.40
C THR D 182 -4.08 17.43 -14.78
N ILE D 183 -5.40 17.70 -14.77
CA ILE D 183 -6.44 16.70 -15.02
C ILE D 183 -7.07 16.84 -16.41
N LEU D 184 -6.89 15.82 -17.25
CA LEU D 184 -7.50 15.75 -18.58
C LEU D 184 -8.48 14.60 -18.57
N LYS D 185 -9.78 14.88 -18.72
CA LYS D 185 -10.79 13.83 -18.74
C LYS D 185 -11.37 13.70 -20.17
N PHE D 186 -11.18 12.52 -20.78
CA PHE D 186 -11.65 12.23 -22.14
C PHE D 186 -12.79 11.24 -22.17
N PHE D 187 -13.91 11.65 -22.78
CA PHE D 187 -15.03 10.75 -23.02
C PHE D 187 -14.97 10.35 -24.48
N LEU D 188 -14.60 9.09 -24.72
CA LEU D 188 -14.50 8.54 -26.06
C LEU D 188 -15.92 8.16 -26.49
N HIS D 189 -16.52 9.04 -27.32
CA HIS D 189 -17.90 8.99 -27.77
C HIS D 189 -18.14 8.18 -29.06
N ILE D 190 -18.77 7.01 -28.90
CA ILE D 190 -19.14 6.12 -30.00
C ILE D 190 -20.66 5.99 -30.13
N SER D 191 -21.14 5.57 -31.31
CA SER D 191 -22.56 5.36 -31.57
C SER D 191 -22.95 3.93 -31.20
N LYS D 192 -24.27 3.69 -31.01
CA LYS D 192 -24.83 2.38 -30.67
C LYS D 192 -24.47 1.35 -31.74
N ASP D 193 -24.56 1.74 -33.03
CA ASP D 193 -24.22 0.88 -34.17
C ASP D 193 -22.74 0.57 -34.25
N GLU D 194 -21.86 1.53 -33.87
CA GLU D 194 -20.41 1.33 -33.87
C GLU D 194 -20.02 0.31 -32.79
N GLN D 195 -20.72 0.34 -31.64
CA GLN D 195 -20.52 -0.59 -30.53
C GLN D 195 -20.84 -2.01 -30.98
N ARG D 196 -21.94 -2.16 -31.75
CA ARG D 196 -22.40 -3.45 -32.29
C ARG D 196 -21.34 -4.09 -33.21
N GLN D 197 -20.77 -3.29 -34.13
CA GLN D 197 -19.76 -3.70 -35.09
C GLN D 197 -18.49 -4.15 -34.37
N ARG D 198 -18.02 -3.32 -33.42
CA ARG D 198 -16.81 -3.56 -32.65
C ARG D 198 -16.91 -4.76 -31.72
N LEU D 199 -18.07 -4.95 -31.06
CA LEU D 199 -18.31 -6.11 -30.19
C LEU D 199 -18.32 -7.41 -31.00
N GLN D 200 -18.89 -7.36 -32.22
CA GLN D 200 -18.93 -8.50 -33.14
C GLN D 200 -17.52 -8.80 -33.64
N GLU D 201 -16.77 -7.75 -34.03
CA GLU D 201 -15.39 -7.86 -34.51
C GLU D 201 -14.46 -8.46 -33.43
N ARG D 202 -14.70 -8.13 -32.15
CA ARG D 202 -13.94 -8.67 -31.00
C ARG D 202 -14.21 -10.18 -30.86
N LEU D 203 -15.49 -10.57 -31.00
CA LEU D 203 -15.98 -11.95 -30.93
C LEU D 203 -15.43 -12.82 -32.08
N ASP D 204 -15.32 -12.25 -33.29
CA ASP D 204 -14.84 -12.94 -34.49
C ASP D 204 -13.30 -12.96 -34.63
N ASN D 205 -12.60 -12.15 -33.83
CA ASN D 205 -11.13 -12.10 -33.80
C ASN D 205 -10.63 -13.12 -32.76
N PRO D 206 -9.82 -14.14 -33.16
CA PRO D 206 -9.33 -15.13 -32.19
C PRO D 206 -8.37 -14.58 -31.14
N GLU D 207 -7.62 -13.52 -31.50
CA GLU D 207 -6.65 -12.84 -30.62
C GLU D 207 -7.32 -11.81 -29.70
N LYS D 208 -8.63 -11.57 -29.90
CA LYS D 208 -9.43 -10.61 -29.10
C LYS D 208 -10.63 -11.25 -28.39
N ARG D 209 -10.99 -12.50 -28.76
CA ARG D 209 -12.11 -13.29 -28.22
C ARG D 209 -12.09 -13.42 -26.69
N TRP D 210 -10.89 -13.33 -26.08
CA TRP D 210 -10.64 -13.44 -24.65
C TRP D 210 -11.15 -12.22 -23.85
N LYS D 211 -11.17 -11.04 -24.48
CA LYS D 211 -11.63 -9.77 -23.90
C LYS D 211 -13.15 -9.77 -23.66
N PHE D 212 -13.91 -10.53 -24.48
CA PHE D 212 -15.37 -10.59 -24.39
C PHE D 212 -15.88 -11.38 -23.19
N ARG D 213 -16.87 -10.80 -22.49
CA ARG D 213 -17.59 -11.38 -21.35
C ARG D 213 -19.08 -11.40 -21.70
N MET D 214 -19.86 -12.25 -21.02
CA MET D 214 -21.30 -12.34 -21.27
C MET D 214 -22.04 -11.08 -20.79
N GLY D 215 -21.52 -10.46 -19.73
CA GLY D 215 -22.06 -9.25 -19.11
C GLY D 215 -22.07 -8.01 -19.98
N ASP D 216 -21.29 -8.01 -21.09
CA ASP D 216 -21.21 -6.91 -22.06
C ASP D 216 -22.54 -6.69 -22.79
N LEU D 217 -23.37 -7.75 -22.93
CA LEU D 217 -24.67 -7.70 -23.59
C LEU D 217 -25.72 -6.94 -22.75
N GLU D 218 -25.63 -7.06 -21.41
CA GLU D 218 -26.56 -6.36 -20.51
C GLU D 218 -26.32 -4.84 -20.48
N ASP D 219 -25.07 -4.42 -20.77
CA ASP D 219 -24.70 -3.01 -20.85
C ASP D 219 -25.14 -2.43 -22.20
N ARG D 220 -25.28 -3.29 -23.23
CA ARG D 220 -25.75 -2.94 -24.58
C ARG D 220 -27.27 -2.68 -24.53
N ARG D 221 -28.01 -3.47 -23.72
CA ARG D 221 -29.45 -3.34 -23.52
C ARG D 221 -29.77 -2.03 -22.74
N LEU D 222 -28.83 -1.61 -21.87
CA LEU D 222 -28.94 -0.41 -21.05
C LEU D 222 -28.21 0.81 -21.67
N TRP D 223 -27.97 0.79 -23.01
CA TRP D 223 -27.29 1.84 -23.78
C TRP D 223 -27.78 3.25 -23.44
N ASP D 224 -29.12 3.47 -23.53
CA ASP D 224 -29.77 4.76 -23.29
C ASP D 224 -29.57 5.30 -21.88
N ARG D 225 -29.67 4.42 -20.84
CA ARG D 225 -29.44 4.78 -19.45
C ARG D 225 -27.98 5.20 -19.22
N TYR D 226 -27.03 4.52 -19.90
CA TYR D 226 -25.60 4.84 -19.86
C TYR D 226 -25.30 6.18 -20.53
N GLN D 227 -26.05 6.50 -21.60
CA GLN D 227 -25.91 7.79 -22.31
C GLN D 227 -26.42 8.92 -21.42
N GLU D 228 -27.53 8.67 -20.71
CA GLU D 228 -28.14 9.59 -19.76
C GLU D 228 -27.17 9.82 -18.58
N ALA D 229 -26.49 8.73 -18.15
CA ALA D 229 -25.52 8.72 -17.06
C ALA D 229 -24.31 9.57 -17.39
N TYR D 230 -23.72 9.37 -18.60
CA TYR D 230 -22.54 10.12 -19.07
C TYR D 230 -22.85 11.60 -19.21
N GLU D 231 -24.02 11.94 -19.82
CA GLU D 231 -24.46 13.32 -19.97
C GLU D 231 -24.54 14.00 -18.60
N ALA D 232 -25.18 13.34 -17.61
CA ALA D 232 -25.32 13.86 -16.24
C ALA D 232 -23.95 14.09 -15.58
N ALA D 233 -23.06 13.07 -15.63
CA ALA D 233 -21.71 13.10 -15.07
C ALA D 233 -20.84 14.23 -15.69
N ILE D 234 -20.80 14.33 -17.04
CA ILE D 234 -20.04 15.36 -17.75
C ILE D 234 -20.57 16.76 -17.41
N ARG D 235 -21.91 16.95 -17.44
CA ARG D 235 -22.59 18.21 -17.10
C ARG D 235 -22.23 18.68 -15.69
N GLU D 236 -22.22 17.74 -14.74
CA GLU D 236 -21.94 17.96 -13.33
C GLU D 236 -20.46 18.13 -12.99
N THR D 237 -19.54 17.45 -13.68
CA THR D 237 -18.13 17.49 -13.28
C THR D 237 -17.14 18.21 -14.22
N SER D 238 -17.55 18.69 -15.42
CA SER D 238 -16.59 19.42 -16.26
C SER D 238 -16.39 20.80 -15.69
N THR D 239 -15.19 21.05 -15.15
CA THR D 239 -14.80 22.30 -14.49
C THR D 239 -13.62 22.98 -15.20
N GLU D 240 -13.25 24.18 -14.74
CA GLU D 240 -12.12 24.93 -15.26
C GLU D 240 -10.81 24.20 -14.88
N TYR D 241 -10.77 23.60 -13.68
CA TYR D 241 -9.60 22.87 -13.16
C TYR D 241 -9.50 21.45 -13.69
N ALA D 242 -10.65 20.79 -13.94
CA ALA D 242 -10.70 19.42 -14.45
C ALA D 242 -11.72 19.38 -15.61
N PRO D 243 -11.32 19.77 -16.84
CA PRO D 243 -12.29 19.77 -17.94
C PRO D 243 -12.55 18.40 -18.56
N TRP D 244 -13.75 18.25 -19.11
CA TRP D 244 -14.15 17.07 -19.86
C TRP D 244 -14.04 17.42 -21.34
N TYR D 245 -13.58 16.47 -22.13
CA TYR D 245 -13.48 16.59 -23.59
C TYR D 245 -14.27 15.44 -24.19
N VAL D 246 -15.21 15.77 -25.09
CA VAL D 246 -16.00 14.75 -25.79
C VAL D 246 -15.26 14.48 -27.10
N ILE D 247 -14.69 13.27 -27.21
CA ILE D 247 -13.91 12.86 -28.38
C ILE D 247 -14.76 11.99 -29.31
N PRO D 248 -15.10 12.45 -30.55
CA PRO D 248 -15.84 11.58 -31.48
C PRO D 248 -14.93 10.38 -31.79
N ALA D 249 -15.28 9.21 -31.25
CA ALA D 249 -14.44 8.02 -31.30
C ALA D 249 -14.87 6.94 -32.29
N ASN D 250 -15.80 7.24 -33.20
CA ASN D 250 -16.25 6.27 -34.23
C ASN D 250 -15.15 5.93 -35.22
N LYS D 251 -14.29 6.92 -35.57
CA LYS D 251 -13.13 6.76 -36.44
C LYS D 251 -11.89 6.85 -35.56
N ASN D 252 -11.19 5.70 -35.35
CA ASN D 252 -10.00 5.56 -34.50
C ASN D 252 -8.88 6.54 -34.83
N TRP D 253 -8.65 6.80 -36.15
CA TRP D 253 -7.61 7.74 -36.62
C TRP D 253 -7.84 9.16 -36.09
N TYR D 254 -9.11 9.59 -36.04
CA TYR D 254 -9.48 10.91 -35.57
C TYR D 254 -9.39 10.96 -34.05
N ARG D 255 -9.88 9.90 -33.38
CA ARG D 255 -9.85 9.75 -31.94
C ARG D 255 -8.38 9.84 -31.44
N ASN D 256 -7.47 9.07 -32.06
CA ASN D 256 -6.04 9.05 -31.71
C ASN D 256 -5.35 10.40 -31.95
N TRP D 257 -5.67 11.10 -33.04
CA TRP D 257 -5.12 12.43 -33.35
C TRP D 257 -5.60 13.51 -32.37
N LEU D 258 -6.93 13.55 -32.11
CA LEU D 258 -7.56 14.56 -31.24
C LEU D 258 -7.13 14.45 -29.77
N VAL D 259 -7.03 13.21 -29.24
CA VAL D 259 -6.58 12.94 -27.86
C VAL D 259 -5.10 13.36 -27.72
N SER D 260 -4.28 13.08 -28.76
CA SER D 260 -2.87 13.45 -28.78
C SER D 260 -2.69 14.95 -28.83
N HIS D 261 -3.47 15.64 -29.70
CA HIS D 261 -3.44 17.10 -29.88
C HIS D 261 -3.78 17.84 -28.58
N ILE D 262 -4.89 17.44 -27.93
CA ILE D 262 -5.34 18.02 -26.65
C ILE D 262 -4.29 17.81 -25.54
N LEU D 263 -3.74 16.59 -25.42
CA LEU D 263 -2.71 16.24 -24.44
C LEU D 263 -1.40 17.03 -24.65
N VAL D 264 -0.93 17.11 -25.90
CA VAL D 264 0.29 17.84 -26.27
C VAL D 264 0.11 19.35 -25.99
N GLU D 265 -1.02 19.95 -26.41
CA GLU D 265 -1.33 21.36 -26.18
C GLU D 265 -1.31 21.70 -24.68
N THR D 266 -1.88 20.81 -23.84
CA THR D 266 -1.93 20.96 -22.38
C THR D 266 -0.53 20.94 -21.77
N LEU D 267 0.27 19.89 -22.11
CA LEU D 267 1.64 19.72 -21.61
C LEU D 267 2.56 20.85 -22.05
N GLU D 268 2.32 21.39 -23.27
CA GLU D 268 3.07 22.52 -23.83
C GLU D 268 2.71 23.81 -23.09
N GLY D 269 1.49 23.86 -22.56
CA GLY D 269 0.97 24.98 -21.78
C GLY D 269 1.49 25.05 -20.36
N LEU D 270 2.08 23.96 -19.84
CA LEU D 270 2.65 23.91 -18.49
C LEU D 270 3.99 24.64 -18.42
N ALA D 271 4.58 24.98 -19.61
CA ALA D 271 5.87 25.66 -19.80
C ALA D 271 6.97 25.05 -18.91
N MET D 272 7.06 23.70 -18.94
CA MET D 272 8.01 22.92 -18.14
C MET D 272 9.45 23.22 -18.52
N GLN D 273 10.34 23.26 -17.52
CA GLN D 273 11.75 23.58 -17.72
C GLN D 273 12.68 22.52 -17.13
N TYR D 274 13.81 22.27 -17.80
CA TYR D 274 14.82 21.33 -17.31
C TYR D 274 15.54 21.96 -16.10
N PRO D 275 15.65 21.23 -14.96
CA PRO D 275 16.32 21.81 -13.79
C PRO D 275 17.79 22.15 -14.07
N GLN D 276 18.26 23.25 -13.47
CA GLN D 276 19.65 23.68 -13.67
C GLN D 276 20.36 23.69 -12.30
N PRO D 277 20.94 22.52 -11.88
CA PRO D 277 21.60 22.45 -10.56
C PRO D 277 22.93 23.19 -10.44
N GLU D 278 23.57 23.13 -9.25
CA GLU D 278 24.86 23.75 -8.93
C GLU D 278 25.88 22.69 -8.48
P AMP E . 18.34 7.84 -8.52
O1P AMP E . 16.80 7.82 -8.23
O2P AMP E . 18.77 9.23 -8.97
O3P AMP E . 18.81 6.73 -9.48
O5' AMP E . 19.02 7.65 -7.07
C5' AMP E . 18.61 6.64 -6.14
C4' AMP E . 19.71 6.45 -5.13
O4' AMP E . 19.23 5.64 -4.03
C3' AMP E . 21.00 5.79 -5.63
O3' AMP E . 22.15 6.51 -5.23
C2' AMP E . 20.93 4.38 -5.03
O2' AMP E . 22.19 3.79 -4.83
C1' AMP E . 20.23 4.69 -3.71
N9 AMP E . 19.60 3.55 -3.05
C8 AMP E . 18.78 2.61 -3.61
N7 AMP E . 18.46 1.62 -2.81
C5 AMP E . 19.14 1.92 -1.64
C6 AMP E . 19.29 1.23 -0.42
N6 AMP E . 18.75 0.03 -0.18
N1 AMP E . 20.03 1.81 0.55
C2 AMP E . 20.60 3.00 0.31
N3 AMP E . 20.56 3.73 -0.81
C4 AMP E . 19.83 3.12 -1.75
P PO4 F . 21.66 5.13 -15.78
O1 PO4 F . 22.22 6.22 -14.86
O2 PO4 F . 22.06 3.67 -15.27
O3 PO4 F . 20.06 5.21 -15.77
O4 PO4 F . 22.19 5.35 -17.27
S SO4 G . 4.16 3.29 9.51
O1 SO4 G . 3.73 4.69 9.52
O2 SO4 G . 3.64 2.62 10.70
O3 SO4 G . 5.62 3.23 9.47
O4 SO4 G . 3.60 2.63 8.33
S SO4 H . 25.63 4.26 -29.13
O1 SO4 H . 24.69 5.29 -28.65
O2 SO4 H . 26.46 3.78 -28.02
O3 SO4 H . 24.85 3.16 -29.70
O4 SO4 H . 26.52 4.83 -30.13
S SO4 I . 31.18 2.13 -32.04
O1 SO4 I . 29.83 2.71 -31.96
O2 SO4 I . 31.77 2.12 -30.71
O3 SO4 I . 31.12 0.77 -32.57
O4 SO4 I . 32.01 2.97 -32.93
S SO4 J . 20.09 8.46 -20.05
O1 SO4 J . 18.68 8.75 -19.85
O2 SO4 J . 20.47 7.25 -19.29
O3 SO4 J . 20.34 8.25 -21.47
O4 SO4 J . 20.90 9.60 -19.58
P AMP K . -12.34 -16.09 9.11
O1P AMP K . -11.44 -16.61 10.24
O2P AMP K . -13.81 -16.11 9.47
O3P AMP K . -11.98 -14.67 8.58
O5' AMP K . -12.24 -17.08 7.82
C5' AMP K . -11.11 -17.03 6.94
C4' AMP K . -11.06 -18.29 6.10
O4' AMP K . -10.07 -18.13 5.06
C3' AMP K . -10.72 -19.58 6.84
O3' AMP K . -11.60 -20.63 6.50
C2' AMP K . -9.28 -19.87 6.38
O2' AMP K . -8.99 -21.27 6.38
C1' AMP K . -9.30 -19.31 4.97
N9 AMP K . -7.98 -18.98 4.41
C8 AMP K . -6.99 -18.26 5.01
N7 AMP K . -5.87 -18.21 4.32
C5 AMP K . -6.16 -18.99 3.19
C6 AMP K . -5.37 -19.38 2.09
N6 AMP K . -4.07 -19.09 1.97
N1 AMP K . -5.96 -20.13 1.14
C2 AMP K . -7.24 -20.46 1.29
N3 AMP K . -8.07 -20.17 2.29
C4 AMP K . -7.47 -19.43 3.23
P PO4 L . -11.21 -18.91 17.00
O1 PO4 L . -11.64 -18.87 18.51
O2 PO4 L . -9.86 -19.76 16.81
O3 PO4 L . -12.37 -19.47 16.07
O4 PO4 L . -10.93 -17.41 16.51
S SO4 M . -14.63 -16.16 21.02
O1 SO4 M . -15.82 -16.99 20.78
O2 SO4 M . -14.33 -16.14 22.45
O3 SO4 M . -14.86 -14.80 20.57
O4 SO4 M . -13.48 -16.71 20.29
S SO4 N . -11.78 -26.46 34.29
O1 SO4 N . -12.75 -27.26 35.03
O2 SO4 N . -10.44 -26.69 34.86
O3 SO4 N . -12.13 -25.04 34.39
O4 SO4 N . -11.79 -26.86 32.88
S SO4 O . -12.40 -21.91 30.74
O1 SO4 O . -13.13 -22.49 31.87
O2 SO4 O . -11.29 -21.08 31.23
O3 SO4 O . -11.86 -23.01 29.92
O4 SO4 O . -13.29 -21.06 29.94
P AMP P . 6.25 12.30 16.66
O1P AMP P . 5.08 12.36 17.70
O2P AMP P . 6.20 11.06 15.75
O3P AMP P . 7.53 12.35 17.47
O5' AMP P . 6.24 13.70 15.84
C5' AMP P . 5.71 13.87 14.50
C4' AMP P . 6.03 15.24 14.00
O4' AMP P . 5.67 15.36 12.60
C3' AMP P . 5.33 16.40 14.74
O3' AMP P . 6.26 17.42 15.08
C2' AMP P . 4.28 16.88 13.71
O2' AMP P . 3.94 18.26 13.83
C1' AMP P . 5.01 16.59 12.40
N9 AMP P . 4.14 16.48 11.22
C8 AMP P . 2.99 15.74 11.11
N7 AMP P . 2.34 15.93 9.99
C5 AMP P . 3.11 16.87 9.31
C6 AMP P . 2.94 17.53 8.09
N6 AMP P . 1.87 17.39 7.31
N1 AMP P . 3.90 18.40 7.71
C2 AMP P . 4.96 18.59 8.51
N3 AMP P . 5.22 18.04 9.71
C4 AMP P . 4.25 17.19 10.06
MG MG Q . 3.15 13.21 18.17
P PO4 R . 1.07 13.88 23.45
O1 PO4 R . 0.80 13.57 24.99
O2 PO4 R . 0.05 14.92 22.92
O3 PO4 R . 0.88 12.52 22.62
O4 PO4 R . 2.56 14.41 23.26
S SO4 S . 2.56 10.08 27.80
O1 SO4 S . 1.37 9.67 28.55
O2 SO4 S . 3.52 10.69 28.73
O3 SO4 S . 3.16 8.90 27.17
O4 SO4 S . 2.21 11.05 26.75
S SO4 T . -7.01 33.29 10.41
O1 SO4 T . -7.29 32.77 11.75
O2 SO4 T . -7.93 34.38 10.12
O3 SO4 T . -7.18 32.21 9.42
O4 SO4 T . -5.64 33.78 10.36
P AMP U . -12.88 -4.50 -17.56
O1P AMP U . -11.85 -3.89 -16.59
O2P AMP U . -13.06 -3.70 -18.89
O3P AMP U . -12.59 -5.98 -17.91
O5' AMP U . -14.33 -4.53 -16.88
C5' AMP U . -14.54 -4.06 -15.53
C4' AMP U . -16.01 -3.81 -15.30
O4' AMP U . -16.21 -3.33 -13.95
C3' AMP U . -16.67 -2.79 -16.24
O3' AMP U . -17.82 -3.31 -16.90
C2' AMP U . -16.96 -1.58 -15.33
O2' AMP U . -18.14 -0.91 -15.71
C1' AMP U . -17.12 -2.26 -13.97
N9 AMP U . -16.81 -1.39 -12.83
C8 AMP U . -15.74 -0.54 -12.68
N7 AMP U . -15.79 0.20 -11.61
C5 AMP U . -16.98 -0.16 -11.01
C6 AMP U . -17.66 0.32 -9.86
N6 AMP U . -17.25 1.36 -9.14
N1 AMP U . -18.83 -0.27 -9.53
C2 AMP U . -19.30 -1.26 -10.31
N3 AMP U . -18.77 -1.77 -11.43
C4 AMP U . -17.61 -1.17 -11.74
P PO4 V . -12.23 -0.60 -25.04
O1 PO4 V . -13.04 0.62 -24.54
O2 PO4 V . -10.85 -0.69 -24.26
O3 PO4 V . -13.03 -1.95 -24.73
O4 PO4 V . -11.96 -0.43 -26.61
S SO4 W . -8.23 -5.38 4.75
O1 SO4 W . -7.78 -4.28 5.59
O2 SO4 W . -8.65 -6.49 5.63
O3 SO4 W . -9.36 -4.93 3.94
O4 SO4 W . -7.14 -5.81 3.88
#